data_8T4J
#
_entry.id   8T4J
#
_cell.length_a   1.00
_cell.length_b   1.00
_cell.length_c   1.00
_cell.angle_alpha   90.00
_cell.angle_beta   90.00
_cell.angle_gamma   90.00
#
_symmetry.space_group_name_H-M   'P 1'
#
loop_
_entity.id
_entity.type
_entity.pdbx_description
1 polymer 'Antigen peptide transporter 2'
2 polymer 'Antigen peptide transporter 1'
3 polymer 'HLA-B35 specific peptide'
#
loop_
_entity_poly.entity_id
_entity_poly.type
_entity_poly.pdbx_seq_one_letter_code
_entity_poly.pdbx_strand_id
1 'polypeptide(L)'
;MRLPDLRPWTSLLLVDAALLWLLQGPLGTLLPQGLPGLWLEGTLRLGGLWGLLKLRGLLGFVGTLLLPLCLATPLTVSLR
ALVAGASRAPPARVASAPWSWLLVGYGAAGLSWSLWAVLSPPGAQEKEQDQVNNKVLMWRLLKLSRPDLPLLVAAFFFLV
LAVLGETLIPHYSGRVIDILGGDFDPHAFASAIFFMCLFSFGSSLSAGCRGGCFTYTMSRINLRIREQLFSSLLRQDLGF
FQETKTGELNSRLSSDTTLMSNWLPLNANVLLRSLVKVVGLYGFMLSISPRLTLLSLLHMPFTIAAEKVYNTRHQEVLRE
IQDAVARAGQVVREAVGGLQTVRSFGAEEHEVCRYKEALEQCRQLYWRRDLERALYLLVRRVLHLGVQMLMLSCGLQQMQ
DGELTQGSLLSFMIYQESVGSYVQTLVYIYGDMLSNVGAAEKVFSYMDRQPNLPSPGTLAPTTLQGVVKFQDVSFAYPNR
PDRPVLKGLTFTLRPGEVTALVGPNGSGKSTVAALLQNLYQPTGGQVLLDEKPISQYEHCYLHSQVVSVGQEPVLFSGSV
RNNIAYGLQSCEDDKVMAAAQAAHADDFIQEMEHGIYTDVGEKGSQLAAGQKQRLAIARALVRDPRVLILDEATSALDVQ
CEQALQDWNSRGDRTVLVIAHRLQTVQRAHQILVLQEGKLQKLAQL
;
B
2 'polypeptide(L)'
;MASSRCPAPRGCRCLPGASLAWLGTVLLLLADWVLLRTALPRIFSLLVPTALPLLRVWAVGLSRWAVLWLGACGVLRATV
GSKSENAGAQGWLAALKPLAAALGLALPGLALFRELISWGAPGSADSTRLLHWGSHPTAFVVSYAAALPAAALWHKLGSL
WVPGGQGGSGNPVRRLLGCLGSETRRLSLFLVLVVLSSLGEMAIPFFTGRLTDWILQDGSADTFTRNLTLMSILTIASAV
LEFVGDGIYNNTMGHVHSHLQGEVFGAVLRQETEFFQQNQTGNIMSRVTEDTSTLSDSLSENLSLFLWYLVRGLCLLGIM
LWGSVSLTMVTLITLPLLFLLPKKVGKWYQLLEVQVRESLAKSSQVAIEALSAMPTVRSFANEEGEAQKFREKLQEIKTL
NQKEAVAYAVNSWTTSISGMLLKVGILYIGGQLVTSGAVSSGNLVTFVLYQMQFTQAVEVLLSIYPRVQKAVGSSEKIFE
YLDRTPRCPPSGLLTPLHLEGLVQFQDVSFAYPNRPDVLVLQGLTFTLRPGEVTALVGPNGSGKSTVAALLQNLYQPTGG
QLLLDGKPLPQYEHRYLHRQVAAVGQEPQVFGRSLQENIAYGLTQKPTMEEITAAAVKSGAHSFISGLPQGYDTEVDEAG
SQLSGGQRQAVALARALIRKPCVLILDDATSALDANSQLQVEQLLYESPERYSRSVLLITQHLSLVEQADHILFLEGGAI
REGGTHQQLMEKKGCYWAMVQAPADAPE
;
A
3 'polypeptide(L)' LPAVVGLSPGEQEY C
#
# COMPACT_ATOMS: atom_id res chain seq x y z
N LYS A 135 -17.49 -14.06 18.27
CA LYS A 135 -17.13 -15.28 18.96
C LYS A 135 -16.65 -14.97 20.38
N VAL A 136 -16.18 -16.01 21.08
CA VAL A 136 -15.59 -15.85 22.41
C VAL A 136 -14.33 -15.01 22.36
N LEU A 137 -13.73 -14.86 21.16
CA LEU A 137 -12.54 -14.03 21.01
C LEU A 137 -12.76 -12.60 21.47
N MET A 138 -14.01 -12.14 21.46
CA MET A 138 -14.32 -10.81 21.98
C MET A 138 -14.00 -10.71 23.47
N TRP A 139 -14.11 -11.83 24.20
CA TRP A 139 -13.89 -11.79 25.65
C TRP A 139 -12.44 -11.47 25.98
N ARG A 140 -11.50 -12.11 25.31
CA ARG A 140 -10.08 -11.83 25.56
C ARG A 140 -9.74 -10.40 25.21
N LEU A 141 -10.29 -9.89 24.10
CA LEU A 141 -10.10 -8.49 23.75
C LEU A 141 -10.72 -7.59 24.80
N LEU A 142 -11.90 -7.95 25.31
CA LEU A 142 -12.54 -7.15 26.34
C LEU A 142 -11.74 -7.18 27.63
N LYS A 143 -11.22 -8.35 28.01
CA LYS A 143 -10.47 -8.48 29.25
C LYS A 143 -9.22 -7.62 29.23
N LEU A 144 -8.64 -7.40 28.06
CA LEU A 144 -7.39 -6.68 27.94
C LEU A 144 -7.51 -5.22 28.37
N SER A 145 -8.70 -4.62 28.26
CA SER A 145 -8.89 -3.22 28.57
C SER A 145 -9.19 -2.96 30.04
N ARG A 146 -9.27 -3.99 30.87
CA ARG A 146 -9.62 -3.84 32.28
C ARG A 146 -8.63 -2.99 33.09
N PRO A 147 -7.32 -3.01 32.79
CA PRO A 147 -6.42 -2.11 33.50
C PRO A 147 -6.71 -0.63 33.28
N ASP A 148 -7.62 -0.27 32.37
CA ASP A 148 -7.96 1.12 32.10
C ASP A 148 -9.35 1.49 32.61
N LEU A 149 -9.81 0.84 33.68
CA LEU A 149 -11.11 1.17 34.26
C LEU A 149 -11.24 2.62 34.72
N PRO A 150 -10.25 3.25 35.37
CA PRO A 150 -10.44 4.63 35.82
C PRO A 150 -10.79 5.62 34.71
N LEU A 151 -10.76 5.20 33.44
CA LEU A 151 -11.21 6.05 32.35
C LEU A 151 -12.54 5.57 31.76
N LEU A 152 -12.69 4.27 31.54
CA LEU A 152 -13.91 3.75 30.93
C LEU A 152 -15.13 4.01 31.81
N VAL A 153 -15.00 3.78 33.12
CA VAL A 153 -16.13 4.03 34.02
C VAL A 153 -16.49 5.50 34.03
N ALA A 154 -15.50 6.39 34.10
CA ALA A 154 -15.77 7.82 34.06
C ALA A 154 -16.34 8.23 32.71
N ALA A 155 -15.75 7.73 31.62
CA ALA A 155 -16.23 8.09 30.29
C ALA A 155 -17.65 7.59 30.06
N PHE A 156 -17.95 6.36 30.49
CA PHE A 156 -19.30 5.85 30.36
C PHE A 156 -20.30 6.66 31.17
N PHE A 157 -19.88 7.25 32.28
CA PHE A 157 -20.75 8.17 33.02
C PHE A 157 -21.05 9.41 32.19
N PHE A 158 -20.04 9.96 31.52
CA PHE A 158 -20.25 11.13 30.67
C PHE A 158 -21.10 10.80 29.45
N LEU A 159 -21.05 9.56 28.96
CA LEU A 159 -21.88 9.18 27.82
C LEU A 159 -23.36 9.31 28.15
N VAL A 160 -23.75 8.83 29.33
CA VAL A 160 -25.14 8.97 29.77
C VAL A 160 -25.49 10.44 29.94
N LEU A 161 -24.59 11.21 30.57
CA LEU A 161 -24.84 12.63 30.79
C LEU A 161 -24.81 13.41 29.48
N ALA A 162 -24.26 12.84 28.40
CA ALA A 162 -24.29 13.52 27.12
C ALA A 162 -25.55 13.19 26.33
N VAL A 163 -26.00 11.93 26.39
CA VAL A 163 -27.21 11.55 25.69
C VAL A 163 -28.43 12.22 26.30
N LEU A 164 -28.55 12.19 27.62
CA LEU A 164 -29.69 12.81 28.29
C LEU A 164 -29.71 14.32 28.07
N GLY A 165 -28.54 14.93 27.97
CA GLY A 165 -28.49 16.36 27.72
C GLY A 165 -28.88 16.74 26.31
N GLU A 166 -28.80 15.79 25.38
CA GLU A 166 -29.10 16.11 23.99
C GLU A 166 -30.54 15.79 23.64
N THR A 167 -31.11 14.74 24.21
CA THR A 167 -32.47 14.34 23.84
C THR A 167 -33.52 15.31 24.37
N LEU A 168 -33.13 16.25 25.23
CA LEU A 168 -34.11 17.12 25.86
C LEU A 168 -34.22 18.48 25.18
N ILE A 169 -33.19 18.95 24.48
CA ILE A 169 -33.26 20.27 23.84
C ILE A 169 -34.41 20.34 22.82
N PRO A 170 -34.68 19.32 21.99
CA PRO A 170 -35.86 19.43 21.12
C PRO A 170 -37.16 19.59 21.89
N HIS A 171 -37.26 18.97 23.06
CA HIS A 171 -38.48 19.06 23.85
C HIS A 171 -38.75 20.50 24.29
N TYR A 172 -37.71 21.20 24.74
CA TYR A 172 -37.87 22.59 25.14
C TYR A 172 -37.97 23.53 23.95
N SER A 173 -37.46 23.11 22.79
CA SER A 173 -37.54 23.96 21.60
C SER A 173 -38.99 24.20 21.20
N GLY A 174 -39.78 23.14 21.11
CA GLY A 174 -41.20 23.31 20.84
C GLY A 174 -41.92 24.02 21.97
N ARG A 175 -41.49 23.76 23.21
CA ARG A 175 -42.10 24.42 24.36
C ARG A 175 -41.96 25.93 24.28
N VAL A 176 -40.82 26.41 23.78
CA VAL A 176 -40.62 27.85 23.64
C VAL A 176 -41.60 28.42 22.62
N ILE A 177 -41.71 27.78 21.46
CA ILE A 177 -42.59 28.28 20.41
C ILE A 177 -44.06 28.08 20.76
N ASP A 178 -44.39 27.09 21.60
CA ASP A 178 -45.76 26.94 22.07
C ASP A 178 -46.12 28.03 23.07
N ILE A 179 -45.22 28.31 24.01
CA ILE A 179 -45.44 29.38 24.98
C ILE A 179 -45.48 30.73 24.28
N LEU A 180 -44.68 30.89 23.23
CA LEU A 180 -44.68 32.13 22.46
C LEU A 180 -46.03 32.43 21.84
N GLY A 181 -46.81 31.40 21.49
CA GLY A 181 -48.10 31.61 20.85
C GLY A 181 -49.22 31.76 21.88
N GLY A 182 -50.07 32.75 21.63
CA GLY A 182 -51.25 32.97 22.46
C GLY A 182 -51.03 33.77 23.72
N ASP A 183 -49.80 34.14 24.04
CA ASP A 183 -49.53 34.93 25.24
C ASP A 183 -48.19 35.62 25.07
N PHE A 184 -47.97 36.65 25.91
CA PHE A 184 -46.71 37.38 25.97
C PHE A 184 -46.29 37.37 27.44
N ASP A 185 -45.60 36.31 27.84
CA ASP A 185 -45.21 36.08 29.24
C ASP A 185 -43.71 35.89 29.30
N PRO A 186 -42.94 36.95 29.56
CA PRO A 186 -41.48 36.79 29.69
C PRO A 186 -41.08 35.85 30.81
N HIS A 187 -41.87 35.75 31.88
CA HIS A 187 -41.54 34.85 32.97
C HIS A 187 -41.51 33.39 32.50
N ALA A 188 -42.36 33.04 31.55
CA ALA A 188 -42.34 31.69 30.99
C ALA A 188 -41.34 31.59 29.85
N PHE A 189 -41.21 32.65 29.06
CA PHE A 189 -40.30 32.63 27.91
C PHE A 189 -38.85 32.55 28.36
N ALA A 190 -38.45 33.42 29.30
CA ALA A 190 -37.06 33.45 29.74
C ALA A 190 -36.66 32.15 30.41
N SER A 191 -37.53 31.61 31.27
CA SER A 191 -37.22 30.37 31.98
C SER A 191 -37.05 29.22 31.00
N ALA A 192 -37.90 29.15 29.98
CA ALA A 192 -37.82 28.07 29.01
C ALA A 192 -36.50 28.13 28.24
N ILE A 193 -36.08 29.33 27.83
CA ILE A 193 -34.83 29.48 27.09
C ILE A 193 -33.65 29.08 27.97
N PHE A 194 -33.67 29.49 29.24
CA PHE A 194 -32.54 29.26 30.13
C PHE A 194 -32.28 27.77 30.31
N PHE A 195 -33.31 27.00 30.63
CA PHE A 195 -33.14 25.56 30.81
C PHE A 195 -32.77 24.87 29.51
N MET A 196 -33.36 25.30 28.39
CA MET A 196 -32.97 24.74 27.10
C MET A 196 -31.51 25.03 26.80
N CYS A 197 -31.05 26.25 27.11
CA CYS A 197 -29.64 26.58 26.92
C CYS A 197 -28.76 25.76 27.87
N LEU A 198 -29.22 25.54 29.10
CA LEU A 198 -28.39 24.83 30.07
C LEU A 198 -28.18 23.38 29.67
N PHE A 199 -29.27 22.67 29.35
CA PHE A 199 -29.16 21.24 29.07
C PHE A 199 -28.35 20.95 27.82
N SER A 200 -28.53 21.73 26.76
CA SER A 200 -27.72 21.55 25.56
C SER A 200 -26.26 21.91 25.83
N PHE A 201 -26.02 22.94 26.64
CA PHE A 201 -24.66 23.29 27.03
C PHE A 201 -24.00 22.14 27.78
N GLY A 202 -24.73 21.52 28.72
CA GLY A 202 -24.18 20.38 29.43
C GLY A 202 -23.88 19.22 28.50
N SER A 203 -24.75 18.99 27.52
CA SER A 203 -24.52 17.93 26.55
C SER A 203 -23.27 18.21 25.72
N SER A 204 -23.11 19.45 25.27
CA SER A 204 -21.94 19.80 24.47
C SER A 204 -20.64 19.64 25.26
N LEU A 205 -20.63 20.10 26.52
CA LEU A 205 -19.44 19.96 27.35
C LEU A 205 -19.13 18.50 27.62
N SER A 206 -20.16 17.71 27.92
CA SER A 206 -19.94 16.29 28.17
C SER A 206 -19.49 15.56 26.91
N ALA A 207 -19.98 15.99 25.74
CA ALA A 207 -19.56 15.35 24.49
C ALA A 207 -18.06 15.48 24.27
N GLY A 208 -17.50 16.65 24.54
CA GLY A 208 -16.05 16.81 24.44
C GLY A 208 -15.32 15.96 25.46
N CYS A 209 -15.83 15.92 26.69
CA CYS A 209 -15.20 15.09 27.72
C CYS A 209 -15.35 13.61 27.40
N ARG A 210 -16.56 13.19 26.99
CA ARG A 210 -16.78 11.79 26.66
C ARG A 210 -15.90 11.36 25.49
N GLY A 211 -15.82 12.18 24.45
CA GLY A 211 -14.93 11.87 23.35
C GLY A 211 -13.46 11.94 23.75
N GLY A 212 -13.12 12.88 24.63
CA GLY A 212 -11.74 13.06 25.01
C GLY A 212 -11.18 11.87 25.77
N CYS A 213 -11.96 11.32 26.70
CA CYS A 213 -11.48 10.19 27.48
C CYS A 213 -11.25 8.96 26.63
N PHE A 214 -12.14 8.68 25.67
CA PHE A 214 -12.04 7.45 24.90
C PHE A 214 -10.84 7.47 23.96
N THR A 215 -10.56 8.62 23.33
CA THR A 215 -9.41 8.68 22.43
C THR A 215 -8.11 8.50 23.20
N TYR A 216 -8.11 8.78 24.51
CA TYR A 216 -6.95 8.44 25.32
C TYR A 216 -6.93 6.95 25.64
N THR A 217 -8.10 6.36 25.89
CA THR A 217 -8.16 4.93 26.14
C THR A 217 -7.76 4.14 24.90
N MET A 218 -8.10 4.64 23.72
CA MET A 218 -7.64 4.03 22.48
C MET A 218 -6.11 4.01 22.41
N SER A 219 -5.48 5.09 22.88
CA SER A 219 -4.02 5.16 22.87
C SER A 219 -3.41 4.11 23.79
N ARG A 220 -3.88 4.04 25.04
CA ARG A 220 -3.27 3.13 26.00
C ARG A 220 -3.55 1.67 25.67
N ILE A 221 -4.60 1.38 24.91
CA ILE A 221 -4.76 0.03 24.37
C ILE A 221 -3.74 -0.23 23.28
N ASN A 222 -3.55 0.73 22.38
CA ASN A 222 -2.59 0.56 21.29
C ASN A 222 -1.16 0.50 21.82
N LEU A 223 -0.87 1.24 22.88
CA LEU A 223 0.49 1.27 23.43
C LEU A 223 0.78 0.11 24.36
N ARG A 224 -0.19 -0.78 24.59
CA ARG A 224 0.02 -1.97 25.39
C ARG A 224 0.09 -3.25 24.58
N ILE A 225 -0.72 -3.35 23.51
CA ILE A 225 -0.67 -4.54 22.66
C ILE A 225 0.67 -4.61 21.93
N ARG A 226 1.13 -3.47 21.40
CA ARG A 226 2.40 -3.46 20.67
C ARG A 226 3.55 -3.89 21.56
N GLU A 227 3.54 -3.44 22.82
CA GLU A 227 4.56 -3.90 23.76
C GLU A 227 4.48 -5.40 23.99
N GLN A 228 3.26 -5.92 24.15
CA GLN A 228 3.11 -7.35 24.41
C GLN A 228 3.35 -8.18 23.15
N LEU A 229 2.86 -7.70 22.00
CA LEU A 229 3.01 -8.46 20.76
C LEU A 229 4.48 -8.59 20.38
N PHE A 230 5.24 -7.52 20.51
CA PHE A 230 6.67 -7.57 20.20
C PHE A 230 7.38 -8.53 21.14
N SER A 231 7.04 -8.51 22.43
CA SER A 231 7.68 -9.40 23.37
C SER A 231 7.40 -10.86 23.05
N SER A 232 6.16 -11.17 22.64
CA SER A 232 5.81 -12.56 22.34
C SER A 232 6.57 -13.07 21.12
N LEU A 233 6.79 -12.21 20.13
CA LEU A 233 7.46 -12.64 18.91
C LEU A 233 8.90 -13.05 19.18
N LEU A 234 9.59 -12.33 20.07
CA LEU A 234 10.99 -12.61 20.33
C LEU A 234 11.24 -13.96 20.99
N ARG A 235 10.20 -14.60 21.53
CA ARG A 235 10.32 -15.91 22.12
C ARG A 235 10.07 -17.04 21.12
N GLN A 236 9.83 -16.70 19.85
CA GLN A 236 9.61 -17.73 18.84
C GLN A 236 10.94 -18.31 18.37
N ASP A 237 10.86 -19.49 17.76
CA ASP A 237 12.04 -20.15 17.23
C ASP A 237 12.52 -19.47 15.95
N LEU A 238 13.74 -19.82 15.55
CA LEU A 238 14.31 -19.23 14.34
C LEU A 238 13.60 -19.68 13.08
N GLY A 239 13.15 -20.94 13.04
CA GLY A 239 12.47 -21.43 11.86
C GLY A 239 11.19 -20.68 11.56
N PHE A 240 10.55 -20.15 12.60
CA PHE A 240 9.35 -19.34 12.40
C PHE A 240 9.65 -18.11 11.56
N PHE A 241 10.77 -17.44 11.83
CA PHE A 241 11.15 -16.26 11.06
C PHE A 241 11.66 -16.61 9.67
N GLN A 242 12.15 -17.84 9.47
CA GLN A 242 12.60 -18.26 8.15
C GLN A 242 11.43 -18.35 7.18
N GLU A 243 10.26 -18.76 7.67
CA GLU A 243 9.08 -18.89 6.82
C GLU A 243 8.32 -17.56 6.72
N THR A 244 8.07 -16.93 7.86
CA THR A 244 7.30 -15.69 7.89
C THR A 244 8.14 -14.56 7.32
N LYS A 245 7.52 -13.73 6.47
CA LYS A 245 8.22 -12.60 5.88
C LYS A 245 8.03 -11.35 6.73
N THR A 246 9.07 -10.51 6.75
CA THR A 246 9.03 -9.30 7.57
C THR A 246 7.92 -8.36 7.13
N GLY A 247 7.62 -8.32 5.83
CA GLY A 247 6.53 -7.47 5.38
C GLY A 247 5.19 -7.85 5.98
N GLU A 248 4.94 -9.15 6.12
CA GLU A 248 3.71 -9.62 6.74
C GLU A 248 3.66 -9.20 8.21
N LEU A 249 4.77 -9.40 8.93
CA LEU A 249 4.79 -9.06 10.36
C LEU A 249 4.65 -7.56 10.57
N ASN A 250 5.31 -6.75 9.74
CA ASN A 250 5.20 -5.30 9.89
C ASN A 250 3.77 -4.83 9.70
N SER A 251 3.08 -5.36 8.68
CA SER A 251 1.66 -5.06 8.53
C SER A 251 0.86 -5.57 9.70
N ARG A 252 1.21 -6.76 10.21
CA ARG A 252 0.52 -7.32 11.36
C ARG A 252 0.72 -6.45 12.60
N LEU A 253 1.92 -5.92 12.80
CA LEU A 253 2.23 -5.19 14.03
C LEU A 253 1.86 -3.72 13.90
N SER A 254 2.44 -3.02 12.92
CA SER A 254 2.32 -1.58 12.86
C SER A 254 0.90 -1.13 12.52
N SER A 255 0.26 -1.78 11.55
CA SER A 255 -1.03 -1.30 11.05
C SER A 255 -2.21 -1.98 11.74
N ASP A 256 -2.24 -3.31 11.74
CA ASP A 256 -3.39 -4.04 12.21
C ASP A 256 -3.67 -3.85 13.69
N THR A 257 -2.64 -3.59 14.50
CA THR A 257 -2.86 -3.40 15.93
C THR A 257 -3.65 -2.13 16.22
N THR A 258 -3.71 -1.19 15.27
CA THR A 258 -4.59 -0.04 15.43
C THR A 258 -6.04 -0.46 15.45
N LEU A 259 -6.42 -1.42 14.60
CA LEU A 259 -7.79 -1.94 14.60
C LEU A 259 -8.12 -2.63 15.92
N MET A 260 -7.10 -3.00 16.68
CA MET A 260 -7.36 -3.68 17.93
C MET A 260 -7.67 -2.69 19.03
N SER A 261 -7.60 -1.41 18.73
CA SER A 261 -7.84 -0.37 19.74
C SER A 261 -9.10 0.41 19.42
N ASN A 262 -9.76 0.10 18.31
CA ASN A 262 -10.99 0.77 17.92
C ASN A 262 -12.25 -0.02 18.26
N TRP A 263 -12.10 -1.17 18.92
CA TRP A 263 -13.28 -1.96 19.26
C TRP A 263 -14.04 -1.34 20.42
N LEU A 264 -13.42 -1.30 21.60
CA LEU A 264 -14.09 -0.78 22.79
C LEU A 264 -14.16 0.75 22.78
N PRO A 265 -13.05 1.47 22.61
CA PRO A 265 -13.13 2.94 22.67
C PRO A 265 -14.01 3.56 21.60
N LEU A 266 -14.08 2.97 20.41
CA LEU A 266 -14.78 3.58 19.28
C LEU A 266 -16.03 2.81 18.89
N ASN A 267 -15.90 1.52 18.58
CA ASN A 267 -17.03 0.80 18.02
C ASN A 267 -18.08 0.49 19.08
N ALA A 268 -17.64 0.19 20.28
CA ALA A 268 -18.57 -0.11 21.35
C ALA A 268 -19.37 1.13 21.68
N ASN A 269 -18.76 2.30 21.50
CA ASN A 269 -19.44 3.54 21.82
C ASN A 269 -20.55 3.84 20.83
N VAL A 270 -20.19 4.02 19.57
CA VAL A 270 -21.19 4.40 18.57
C VAL A 270 -22.42 3.52 18.70
N LEU A 271 -22.22 2.22 18.91
CA LEU A 271 -23.35 1.32 19.09
C LEU A 271 -24.12 1.67 20.36
N LEU A 272 -23.42 1.79 21.49
CA LEU A 272 -24.10 2.06 22.75
C LEU A 272 -24.72 3.46 22.76
N ARG A 273 -24.01 4.46 22.24
CA ARG A 273 -24.54 5.82 22.21
C ARG A 273 -25.80 5.89 21.37
N SER A 274 -25.79 5.26 20.20
CA SER A 274 -26.96 5.28 19.32
C SER A 274 -28.10 4.47 19.92
N LEU A 275 -27.81 3.30 20.50
CA LEU A 275 -28.88 2.44 21.00
C LEU A 275 -29.62 3.10 22.15
N VAL A 276 -28.90 3.73 23.09
CA VAL A 276 -29.56 4.37 24.22
C VAL A 276 -30.34 5.59 23.76
N LYS A 277 -29.87 6.25 22.70
CA LYS A 277 -30.58 7.42 22.19
C LYS A 277 -31.87 7.03 21.50
N VAL A 278 -31.83 5.97 20.66
CA VAL A 278 -33.03 5.52 19.98
C VAL A 278 -34.08 5.04 20.97
N VAL A 279 -33.69 4.30 22.00
CA VAL A 279 -34.65 3.92 23.03
C VAL A 279 -35.20 5.15 23.76
N GLY A 280 -34.33 6.10 24.11
CA GLY A 280 -34.80 7.29 24.80
C GLY A 280 -35.69 8.17 23.95
N LEU A 281 -35.34 8.35 22.67
CA LEU A 281 -36.11 9.23 21.80
C LEU A 281 -37.55 8.75 21.65
N TYR A 282 -37.74 7.44 21.46
CA TYR A 282 -39.08 6.92 21.33
C TYR A 282 -39.88 7.04 22.62
N GLY A 283 -39.22 7.20 23.77
CA GLY A 283 -39.94 7.54 24.98
C GLY A 283 -40.56 8.91 24.88
N PHE A 284 -39.77 9.89 24.42
CA PHE A 284 -40.30 11.24 24.23
C PHE A 284 -41.28 11.27 23.06
N MET A 285 -41.04 10.44 22.05
CA MET A 285 -42.03 10.23 21.00
C MET A 285 -43.37 9.83 21.62
N LEU A 286 -43.35 8.82 22.48
CA LEU A 286 -44.58 8.36 23.12
C LEU A 286 -45.18 9.42 24.02
N SER A 287 -44.35 10.26 24.62
CA SER A 287 -44.87 11.30 25.50
C SER A 287 -45.67 12.34 24.73
N ILE A 288 -45.25 12.65 23.50
CA ILE A 288 -45.93 13.68 22.73
C ILE A 288 -47.31 13.21 22.31
N SER A 289 -47.39 12.15 21.50
CA SER A 289 -48.66 11.65 21.01
C SER A 289 -48.56 10.18 20.65
N PRO A 290 -49.10 9.28 21.48
CA PRO A 290 -49.01 7.84 21.15
C PRO A 290 -49.60 7.47 19.80
N ARG A 291 -50.69 8.11 19.38
CA ARG A 291 -51.27 7.81 18.08
C ARG A 291 -50.31 8.09 16.93
N LEU A 292 -49.31 8.95 17.13
CA LEU A 292 -48.56 9.45 15.99
C LEU A 292 -47.19 8.77 15.90
N THR A 293 -46.74 8.14 16.98
CA THR A 293 -45.50 7.36 16.94
C THR A 293 -45.67 6.09 16.10
N LEU A 294 -46.83 5.43 16.21
CA LEU A 294 -47.01 4.12 15.60
C LEU A 294 -46.75 4.15 14.10
N LEU A 295 -47.00 5.29 13.46
CA LEU A 295 -46.72 5.40 12.03
C LEU A 295 -45.23 5.29 11.73
N SER A 296 -44.39 5.86 12.60
CA SER A 296 -42.95 5.71 12.44
C SER A 296 -42.51 4.27 12.63
N LEU A 297 -43.12 3.56 13.57
CA LEU A 297 -42.76 2.17 13.82
C LEU A 297 -43.08 1.28 12.63
N LEU A 298 -44.11 1.62 11.86
CA LEU A 298 -44.43 0.82 10.68
C LEU A 298 -43.45 1.09 9.55
N HIS A 299 -43.09 2.36 9.33
CA HIS A 299 -42.29 2.74 8.18
C HIS A 299 -40.82 2.36 8.36
N MET A 300 -40.29 2.52 9.57
CA MET A 300 -38.86 2.36 9.79
C MET A 300 -38.30 1.00 9.36
N PRO A 301 -38.94 -0.14 9.63
CA PRO A 301 -38.37 -1.41 9.17
C PRO A 301 -38.19 -1.50 7.67
N PHE A 302 -38.97 -0.74 6.89
CA PHE A 302 -38.75 -0.71 5.45
C PHE A 302 -37.38 -0.14 5.11
N THR A 303 -36.97 0.91 5.82
CA THR A 303 -35.66 1.51 5.58
C THR A 303 -34.53 0.55 5.91
N ILE A 304 -34.61 -0.14 7.06
CA ILE A 304 -33.53 -1.05 7.44
C ILE A 304 -33.48 -2.23 6.48
N ALA A 305 -34.63 -2.61 5.92
CA ALA A 305 -34.64 -3.63 4.87
C ALA A 305 -33.90 -3.15 3.64
N ALA A 306 -34.14 -1.89 3.23
CA ALA A 306 -33.41 -1.32 2.12
C ALA A 306 -31.94 -1.14 2.47
N GLU A 307 -31.66 -0.71 3.69
CA GLU A 307 -30.27 -0.55 4.12
C GLU A 307 -29.53 -1.88 4.13
N LYS A 308 -30.19 -2.93 4.61
CA LYS A 308 -29.53 -4.24 4.67
C LYS A 308 -29.19 -4.75 3.28
N VAL A 309 -30.11 -4.58 2.32
CA VAL A 309 -29.85 -5.00 0.95
C VAL A 309 -28.72 -4.18 0.35
N TYR A 310 -28.79 -2.86 0.51
CA TYR A 310 -27.81 -1.98 -0.11
C TYR A 310 -26.41 -2.18 0.46
N ASN A 311 -26.33 -2.37 1.79
CA ASN A 311 -25.02 -2.52 2.42
C ASN A 311 -24.28 -3.73 1.87
N THR A 312 -25.00 -4.81 1.54
CA THR A 312 -24.36 -5.99 0.98
C THR A 312 -24.22 -5.90 -0.53
N ARG A 313 -25.21 -5.31 -1.20
CA ARG A 313 -25.20 -5.27 -2.66
C ARG A 313 -24.03 -4.45 -3.19
N HIS A 314 -23.81 -3.26 -2.63
CA HIS A 314 -22.73 -2.41 -3.13
C HIS A 314 -21.35 -2.97 -2.81
N GLN A 315 -21.19 -3.67 -1.69
CA GLN A 315 -19.93 -4.32 -1.39
C GLN A 315 -19.64 -5.44 -2.39
N GLU A 316 -20.66 -6.21 -2.76
CA GLU A 316 -20.49 -7.28 -3.73
C GLU A 316 -20.04 -6.73 -5.07
N VAL A 317 -20.71 -5.68 -5.55
CA VAL A 317 -20.33 -5.07 -6.82
C VAL A 317 -18.97 -4.41 -6.71
N LEU A 318 -18.65 -3.83 -5.55
CA LEU A 318 -17.36 -3.17 -5.38
C LEU A 318 -16.20 -4.12 -5.62
N ARG A 319 -16.33 -5.36 -5.12
CA ARG A 319 -15.31 -6.37 -5.40
C ARG A 319 -15.28 -6.73 -6.88
N GLU A 320 -16.44 -6.70 -7.54
CA GLU A 320 -16.48 -6.93 -8.98
C GLU A 320 -15.68 -5.87 -9.73
N ILE A 321 -15.79 -4.61 -9.31
CA ILE A 321 -14.91 -3.57 -9.82
C ILE A 321 -13.45 -3.88 -9.48
N GLN A 322 -13.22 -4.28 -8.23
CA GLN A 322 -11.84 -4.46 -7.74
C GLN A 322 -11.12 -5.53 -8.54
N ASP A 323 -11.79 -6.64 -8.85
CA ASP A 323 -11.17 -7.69 -9.64
C ASP A 323 -10.80 -7.19 -11.03
N ALA A 324 -11.70 -6.43 -11.66
CA ALA A 324 -11.39 -5.85 -12.97
C ALA A 324 -10.25 -4.83 -12.85
N VAL A 325 -10.26 -4.02 -11.80
CA VAL A 325 -9.19 -3.06 -11.59
C VAL A 325 -7.87 -3.77 -11.38
N ALA A 326 -7.87 -4.84 -10.60
CA ALA A 326 -6.64 -5.60 -10.37
C ALA A 326 -6.09 -6.17 -11.67
N ARG A 327 -6.98 -6.65 -12.55
CA ARG A 327 -6.55 -7.13 -13.85
C ARG A 327 -5.93 -6.02 -14.68
N ALA A 328 -6.51 -4.81 -14.62
CA ALA A 328 -5.95 -3.68 -15.35
C ALA A 328 -4.55 -3.35 -14.84
N GLY A 329 -4.36 -3.39 -13.52
CA GLY A 329 -3.02 -3.19 -12.98
C GLY A 329 -2.06 -4.27 -13.40
N GLN A 330 -2.54 -5.50 -13.53
CA GLN A 330 -1.70 -6.59 -14.01
C GLN A 330 -1.23 -6.35 -15.44
N VAL A 331 -2.11 -5.81 -16.29
CA VAL A 331 -1.71 -5.47 -17.65
C VAL A 331 -0.58 -4.44 -17.64
N VAL A 332 -0.69 -3.44 -16.76
CA VAL A 332 0.37 -2.45 -16.62
C VAL A 332 1.65 -3.11 -16.10
N ARG A 333 1.52 -4.02 -15.13
CA ARG A 333 2.69 -4.67 -14.55
C ARG A 333 3.43 -5.49 -15.59
N GLU A 334 2.71 -6.23 -16.43
CA GLU A 334 3.36 -7.04 -17.45
C GLU A 334 4.11 -6.16 -18.46
N ALA A 335 3.50 -5.06 -18.87
CA ALA A 335 4.11 -4.20 -19.88
C ALA A 335 5.40 -3.56 -19.36
N VAL A 336 5.38 -3.07 -18.12
CA VAL A 336 6.53 -2.33 -17.60
C VAL A 336 7.71 -3.24 -17.30
N GLY A 337 7.48 -4.52 -16.99
CA GLY A 337 8.56 -5.43 -16.66
C GLY A 337 9.29 -6.01 -17.86
N GLY A 338 8.72 -5.90 -19.05
CA GLY A 338 9.32 -6.47 -20.24
C GLY A 338 9.25 -5.53 -21.42
N LEU A 339 9.36 -4.22 -21.16
CA LEU A 339 9.15 -3.22 -22.20
C LEU A 339 10.12 -3.39 -23.37
N GLN A 340 11.32 -3.89 -23.12
CA GLN A 340 12.29 -4.05 -24.20
C GLN A 340 11.79 -5.02 -25.27
N THR A 341 11.02 -6.03 -24.88
CA THR A 341 10.40 -6.92 -25.85
C THR A 341 9.36 -6.16 -26.68
N VAL A 342 8.60 -5.27 -26.03
CA VAL A 342 7.54 -4.56 -26.73
C VAL A 342 8.11 -3.59 -27.76
N ARG A 343 9.11 -2.80 -27.36
CA ARG A 343 9.66 -1.79 -28.25
C ARG A 343 10.48 -2.37 -29.40
N SER A 344 10.78 -3.67 -29.37
CA SER A 344 11.41 -4.32 -30.53
C SER A 344 10.52 -4.28 -31.75
N PHE A 345 9.22 -4.05 -31.56
CA PHE A 345 8.25 -3.92 -32.64
C PHE A 345 7.38 -2.71 -32.36
N GLY A 346 6.59 -2.33 -33.36
CA GLY A 346 5.54 -1.35 -33.13
C GLY A 346 4.36 -1.99 -32.43
N ALA A 347 4.64 -2.72 -31.34
CA ALA A 347 3.64 -3.50 -30.63
C ALA A 347 2.98 -2.75 -29.49
N GLU A 348 3.27 -1.45 -29.35
CA GLU A 348 2.60 -0.65 -28.33
C GLU A 348 1.10 -0.57 -28.57
N GLU A 349 0.65 -0.82 -29.79
CA GLU A 349 -0.77 -0.80 -30.08
C GLU A 349 -1.52 -1.90 -29.34
N HIS A 350 -0.94 -3.09 -29.25
CA HIS A 350 -1.59 -4.19 -28.54
C HIS A 350 -1.64 -3.94 -27.04
N GLU A 351 -0.70 -3.16 -26.50
CA GLU A 351 -0.70 -2.89 -25.06
C GLU A 351 -1.80 -1.93 -24.67
N VAL A 352 -2.03 -0.88 -25.48
CA VAL A 352 -3.15 0.02 -25.18
C VAL A 352 -4.48 -0.68 -25.41
N CYS A 353 -4.55 -1.57 -26.41
CA CYS A 353 -5.75 -2.37 -26.60
C CYS A 353 -5.98 -3.29 -25.39
N ARG A 354 -4.90 -3.83 -24.83
CA ARG A 354 -5.00 -4.59 -23.58
C ARG A 354 -5.62 -3.74 -22.48
N TYR A 355 -5.12 -2.52 -22.32
CA TYR A 355 -5.57 -1.67 -21.22
C TYR A 355 -6.96 -1.09 -21.50
N LYS A 356 -7.20 -0.66 -22.75
CA LYS A 356 -8.45 0.03 -23.06
C LYS A 356 -9.67 -0.88 -22.89
N GLU A 357 -9.51 -2.19 -23.11
CA GLU A 357 -10.63 -3.10 -22.96
C GLU A 357 -10.82 -3.54 -21.51
N ALA A 358 -9.72 -3.73 -20.80
CA ALA A 358 -9.82 -3.96 -19.35
C ALA A 358 -10.39 -2.74 -18.65
N LEU A 359 -9.97 -1.55 -19.07
CA LEU A 359 -10.55 -0.32 -18.54
C LEU A 359 -12.02 -0.20 -18.92
N GLU A 360 -12.38 -0.67 -20.12
CA GLU A 360 -13.78 -0.63 -20.54
C GLU A 360 -14.65 -1.44 -19.60
N GLN A 361 -14.14 -2.59 -19.14
CA GLN A 361 -14.87 -3.37 -18.14
C GLN A 361 -15.03 -2.58 -16.85
N CYS A 362 -13.98 -1.86 -16.43
CA CYS A 362 -14.07 -1.07 -15.21
C CYS A 362 -15.14 0.01 -15.33
N ARG A 363 -15.19 0.69 -16.48
CA ARG A 363 -16.19 1.73 -16.67
C ARG A 363 -17.60 1.17 -16.61
N GLN A 364 -17.83 0.04 -17.28
CA GLN A 364 -19.16 -0.58 -17.23
C GLN A 364 -19.50 -1.04 -15.83
N LEU A 365 -18.53 -1.65 -15.12
CA LEU A 365 -18.77 -2.05 -13.74
C LEU A 365 -18.95 -0.84 -12.83
N TYR A 366 -18.18 0.22 -13.06
CA TYR A 366 -18.39 1.45 -12.32
C TYR A 366 -19.79 1.99 -12.50
N TRP A 367 -20.22 2.13 -13.77
CA TRP A 367 -21.52 2.72 -14.06
C TRP A 367 -22.64 1.92 -13.42
N ARG A 368 -22.48 0.61 -13.34
CA ARG A 368 -23.50 -0.24 -12.72
C ARG A 368 -23.65 0.07 -11.23
N ARG A 369 -22.55 0.42 -10.56
CA ARG A 369 -22.58 0.60 -9.12
C ARG A 369 -23.27 1.91 -8.73
N ASP A 370 -22.75 3.04 -9.22
CA ASP A 370 -23.32 4.33 -8.83
C ASP A 370 -24.73 4.52 -9.34
N LEU A 371 -25.10 3.82 -10.41
CA LEU A 371 -26.50 3.84 -10.84
C LEU A 371 -27.40 3.24 -9.77
N GLU A 372 -26.97 2.12 -9.16
CA GLU A 372 -27.71 1.55 -8.06
C GLU A 372 -27.70 2.47 -6.84
N ARG A 373 -26.57 3.11 -6.58
CA ARG A 373 -26.50 4.07 -5.48
C ARG A 373 -27.47 5.22 -5.70
N ALA A 374 -27.51 5.76 -6.92
CA ALA A 374 -28.46 6.83 -7.23
C ALA A 374 -29.89 6.34 -7.10
N LEU A 375 -30.17 5.13 -7.59
CA LEU A 375 -31.51 4.57 -7.47
C LEU A 375 -31.85 4.32 -6.01
N TYR A 376 -30.89 3.81 -5.22
CA TYR A 376 -31.13 3.58 -3.81
C TYR A 376 -31.38 4.90 -3.08
N LEU A 377 -30.71 5.96 -3.51
CA LEU A 377 -30.98 7.27 -2.92
C LEU A 377 -32.41 7.71 -3.20
N LEU A 378 -32.89 7.45 -4.42
CA LEU A 378 -34.23 7.90 -4.79
C LEU A 378 -35.30 7.23 -3.94
N VAL A 379 -35.21 5.90 -3.77
CA VAL A 379 -36.26 5.18 -3.05
C VAL A 379 -36.30 5.62 -1.59
N ARG A 380 -35.14 5.82 -0.98
CA ARG A 380 -35.10 6.34 0.38
C ARG A 380 -35.64 7.76 0.44
N ARG A 381 -35.30 8.58 -0.56
CA ARG A 381 -35.76 9.97 -0.56
C ARG A 381 -37.28 10.06 -0.70
N VAL A 382 -37.85 9.27 -1.61
CA VAL A 382 -39.31 9.29 -1.74
C VAL A 382 -39.96 8.65 -0.53
N LEU A 383 -39.29 7.67 0.09
CA LEU A 383 -39.83 7.07 1.31
C LEU A 383 -39.85 8.06 2.47
N HIS A 384 -39.02 9.10 2.41
CA HIS A 384 -39.15 10.19 3.37
C HIS A 384 -40.50 10.87 3.26
N LEU A 385 -40.99 11.05 2.04
CA LEU A 385 -42.35 11.52 1.85
C LEU A 385 -43.35 10.49 2.36
N GLY A 386 -43.00 9.20 2.29
CA GLY A 386 -43.86 8.17 2.85
C GLY A 386 -44.16 8.40 4.31
N VAL A 387 -43.28 9.11 5.02
CA VAL A 387 -43.59 9.52 6.38
C VAL A 387 -44.22 10.91 6.38
N GLN A 388 -43.47 11.93 5.95
CA GLN A 388 -43.85 13.31 6.22
C GLN A 388 -45.18 13.67 5.58
N MET A 389 -45.41 13.24 4.34
CA MET A 389 -46.71 13.43 3.71
C MET A 389 -47.81 12.83 4.56
N LEU A 390 -47.65 11.57 4.97
CA LEU A 390 -48.59 10.97 5.90
C LEU A 390 -48.47 11.62 7.28
N MET A 391 -47.26 12.04 7.66
CA MET A 391 -47.03 12.52 9.02
C MET A 391 -47.88 13.75 9.32
N LEU A 392 -47.85 14.74 8.42
CA LEU A 392 -48.60 15.97 8.64
C LEU A 392 -50.10 15.71 8.56
N SER A 393 -50.52 14.74 7.73
CA SER A 393 -51.95 14.48 7.57
C SER A 393 -52.58 14.06 8.89
N CYS A 394 -51.93 13.17 9.65
CA CYS A 394 -52.45 12.80 10.95
C CYS A 394 -52.25 13.92 11.96
N GLY A 395 -51.09 14.58 11.93
CA GLY A 395 -50.83 15.63 12.89
C GLY A 395 -51.77 16.82 12.77
N LEU A 396 -51.98 17.29 11.55
CA LEU A 396 -52.89 18.43 11.35
C LEU A 396 -54.32 18.05 11.70
N GLN A 397 -54.75 16.84 11.32
CA GLN A 397 -56.06 16.36 11.71
C GLN A 397 -56.16 16.26 13.23
N GLN A 398 -55.11 15.73 13.87
CA GLN A 398 -55.07 15.71 15.33
C GLN A 398 -55.02 17.13 15.88
N MET A 399 -54.24 18.01 15.25
CA MET A 399 -54.11 19.38 15.73
C MET A 399 -55.46 20.07 15.85
N GLN A 400 -56.29 19.99 14.81
CA GLN A 400 -57.64 20.57 14.90
C GLN A 400 -58.48 19.84 15.94
N ASP A 401 -58.38 18.51 15.98
CA ASP A 401 -59.19 17.73 16.93
C ASP A 401 -58.69 17.90 18.36
N GLY A 402 -57.37 17.94 18.56
CA GLY A 402 -56.83 18.13 19.89
C GLY A 402 -55.67 17.21 20.22
N GLU A 403 -55.22 17.26 21.47
CA GLU A 403 -54.09 16.46 21.96
C GLU A 403 -52.80 16.79 21.23
N LEU A 404 -52.71 17.97 20.62
CA LEU A 404 -51.49 18.39 19.95
C LEU A 404 -51.51 19.90 19.76
N THR A 405 -50.34 20.50 19.86
CA THR A 405 -50.15 21.92 19.59
C THR A 405 -48.96 22.09 18.65
N GLN A 406 -48.86 23.27 18.05
CA GLN A 406 -47.77 23.52 17.11
C GLN A 406 -46.42 23.34 17.78
N GLY A 407 -46.28 23.81 19.02
CA GLY A 407 -45.06 23.57 19.75
C GLY A 407 -44.80 22.10 19.98
N SER A 408 -45.85 21.36 20.36
CA SER A 408 -45.70 19.91 20.54
C SER A 408 -45.37 19.24 19.22
N LEU A 409 -45.93 19.74 18.11
CA LEU A 409 -45.67 19.14 16.81
C LEU A 409 -44.22 19.35 16.40
N LEU A 410 -43.69 20.55 16.60
CA LEU A 410 -42.34 20.86 16.13
C LEU A 410 -41.30 20.00 16.84
N SER A 411 -41.53 19.70 18.12
CA SER A 411 -40.62 18.78 18.83
C SER A 411 -40.62 17.42 18.17
N PHE A 412 -41.80 16.92 17.80
CA PHE A 412 -41.90 15.65 17.10
C PHE A 412 -41.25 15.72 15.72
N MET A 413 -41.45 16.85 15.02
CA MET A 413 -40.92 17.01 13.67
C MET A 413 -39.41 16.93 13.63
N ILE A 414 -38.73 17.57 14.59
CA ILE A 414 -37.27 17.47 14.66
C ILE A 414 -36.81 16.19 15.34
N TYR A 415 -37.72 15.43 15.96
CA TYR A 415 -37.37 14.11 16.47
C TYR A 415 -37.28 13.09 15.33
N GLN A 416 -38.20 13.16 14.37
CA GLN A 416 -38.36 12.05 13.42
C GLN A 416 -37.15 11.88 12.51
N GLU A 417 -36.70 12.97 11.87
CA GLU A 417 -35.61 12.84 10.92
C GLU A 417 -34.28 12.52 11.59
N SER A 418 -34.18 12.69 12.90
CA SER A 418 -33.00 12.30 13.64
C SER A 418 -32.98 10.81 13.94
N VAL A 419 -34.14 10.22 14.24
CA VAL A 419 -34.21 8.80 14.55
C VAL A 419 -33.76 7.96 13.36
N GLY A 420 -34.20 8.33 12.15
CA GLY A 420 -33.80 7.59 10.97
C GLY A 420 -32.29 7.60 10.76
N SER A 421 -31.65 8.72 11.07
CA SER A 421 -30.19 8.79 10.92
C SER A 421 -29.49 7.85 11.90
N TYR A 422 -29.93 7.81 13.15
CA TYR A 422 -29.24 6.98 14.14
C TYR A 422 -29.55 5.51 13.96
N VAL A 423 -30.78 5.17 13.55
CA VAL A 423 -31.12 3.77 13.34
C VAL A 423 -30.34 3.20 12.16
N GLN A 424 -30.02 4.04 11.18
CA GLN A 424 -29.18 3.58 10.07
C GLN A 424 -27.74 3.40 10.53
N THR A 425 -27.25 4.30 11.36
CA THR A 425 -25.89 4.20 11.87
C THR A 425 -25.73 2.95 12.73
N LEU A 426 -26.75 2.62 13.53
CA LEU A 426 -26.67 1.47 14.42
C LEU A 426 -26.44 0.17 13.64
N VAL A 427 -27.17 -0.02 12.54
CA VAL A 427 -26.97 -1.22 11.73
C VAL A 427 -25.71 -1.10 10.88
N TYR A 428 -25.26 0.14 10.67
CA TYR A 428 -24.05 0.36 9.88
C TYR A 428 -22.80 -0.01 10.67
N ILE A 429 -22.77 0.32 11.95
CA ILE A 429 -21.57 0.13 12.75
C ILE A 429 -21.31 -1.35 12.99
N TYR A 430 -22.33 -2.20 12.83
CA TYR A 430 -22.12 -3.62 13.06
C TYR A 430 -21.16 -4.24 12.05
N GLY A 431 -21.06 -3.66 10.85
CA GLY A 431 -20.07 -4.13 9.90
C GLY A 431 -18.64 -3.92 10.40
N ASP A 432 -18.40 -2.79 11.06
CA ASP A 432 -17.08 -2.53 11.62
C ASP A 432 -16.81 -3.38 12.86
N MET A 433 -17.86 -3.83 13.55
CA MET A 433 -17.67 -4.76 14.65
C MET A 433 -16.99 -6.04 14.18
N LEU A 434 -17.47 -6.61 13.08
CA LEU A 434 -16.88 -7.85 12.58
C LEU A 434 -15.50 -7.63 11.99
N SER A 435 -15.24 -6.47 11.39
CA SER A 435 -13.93 -6.21 10.81
C SER A 435 -12.85 -6.14 11.89
N ASN A 436 -13.09 -5.36 12.94
CA ASN A 436 -12.11 -5.25 14.02
C ASN A 436 -11.95 -6.57 14.75
N VAL A 437 -13.05 -7.26 15.05
CA VAL A 437 -12.96 -8.58 15.67
C VAL A 437 -12.35 -9.58 14.71
N GLY A 438 -12.68 -9.46 13.42
CA GLY A 438 -12.05 -10.33 12.44
C GLY A 438 -10.55 -10.16 12.39
N ALA A 439 -10.07 -8.93 12.60
CA ALA A 439 -8.63 -8.69 12.67
C ALA A 439 -7.99 -9.32 13.90
N ALA A 440 -8.79 -9.64 14.92
CA ALA A 440 -8.22 -10.20 16.15
C ALA A 440 -7.62 -11.58 15.93
N GLU A 441 -8.18 -12.36 15.01
CA GLU A 441 -7.60 -13.66 14.71
C GLU A 441 -6.20 -13.54 14.12
N LYS A 442 -5.87 -12.40 13.52
CA LYS A 442 -4.53 -12.21 12.98
C LYS A 442 -3.50 -12.06 14.09
N VAL A 443 -3.79 -11.22 15.08
CA VAL A 443 -2.81 -10.94 16.12
C VAL A 443 -2.72 -12.11 17.09
N PHE A 444 -3.85 -12.54 17.64
CA PHE A 444 -3.83 -13.54 18.71
C PHE A 444 -3.33 -14.89 18.22
N SER A 445 -3.31 -15.10 16.90
CA SER A 445 -2.64 -16.27 16.35
C SER A 445 -1.15 -16.26 16.64
N TYR A 446 -0.48 -15.12 16.43
CA TYR A 446 0.92 -15.00 16.80
C TYR A 446 1.13 -14.87 18.29
N MET A 447 0.13 -14.34 19.00
CA MET A 447 0.21 -14.26 20.46
C MET A 447 0.31 -15.65 21.08
N ASP A 448 -0.49 -16.59 20.60
CA ASP A 448 -0.64 -17.89 21.24
C ASP A 448 0.17 -18.99 20.59
N ARG A 449 0.97 -18.69 19.57
CA ARG A 449 1.78 -19.72 18.93
C ARG A 449 2.83 -20.22 19.89
N GLN A 450 2.73 -21.49 20.27
CA GLN A 450 3.68 -22.07 21.21
C GLN A 450 4.99 -22.37 20.51
N PRO A 451 6.11 -21.80 20.95
CA PRO A 451 7.40 -22.14 20.34
C PRO A 451 7.79 -23.57 20.64
N ASN A 452 8.57 -24.15 19.72
CA ASN A 452 9.00 -25.54 19.82
C ASN A 452 10.40 -25.67 20.42
N LEU A 453 10.95 -24.59 20.97
CA LEU A 453 12.26 -24.65 21.58
C LEU A 453 12.20 -25.48 22.87
N PRO A 454 13.32 -26.10 23.24
CA PRO A 454 13.36 -26.84 24.51
C PRO A 454 13.28 -25.90 25.70
N SER A 455 13.12 -26.48 26.89
CA SER A 455 13.00 -25.69 28.09
C SER A 455 14.31 -24.92 28.35
N PRO A 456 14.21 -23.70 28.87
CA PRO A 456 15.41 -22.90 29.11
C PRO A 456 16.34 -23.58 30.10
N GLY A 457 17.64 -23.43 29.85
CA GLY A 457 18.64 -24.03 30.72
C GLY A 457 18.81 -23.29 32.02
N THR A 458 19.49 -23.96 32.96
CA THR A 458 19.72 -23.39 34.29
C THR A 458 21.16 -23.47 34.77
N LEU A 459 21.98 -24.37 34.23
CA LEU A 459 23.35 -24.53 34.71
C LEU A 459 24.22 -23.34 34.31
N ALA A 460 25.13 -22.96 35.19
CA ALA A 460 26.06 -21.87 34.93
C ALA A 460 27.33 -22.10 35.74
N PRO A 461 28.27 -22.87 35.21
CA PRO A 461 29.52 -23.14 35.95
C PRO A 461 30.34 -21.87 36.12
N THR A 462 31.14 -21.86 37.19
CA THR A 462 32.00 -20.71 37.45
C THR A 462 33.07 -20.54 36.38
N THR A 463 33.62 -21.64 35.87
CA THR A 463 34.61 -21.58 34.81
C THR A 463 34.31 -22.70 33.81
N LEU A 464 34.75 -22.50 32.58
CA LEU A 464 34.48 -23.42 31.48
C LEU A 464 35.79 -23.84 30.83
N GLN A 465 35.96 -25.15 30.65
CA GLN A 465 37.16 -25.63 29.97
C GLN A 465 37.04 -25.50 28.45
N GLY A 466 35.84 -25.24 27.95
CA GLY A 466 35.66 -25.05 26.52
C GLY A 466 35.91 -26.28 25.68
N VAL A 467 35.42 -27.45 26.11
CA VAL A 467 35.52 -28.66 25.32
C VAL A 467 34.17 -28.96 24.69
N VAL A 468 34.17 -29.14 23.37
CA VAL A 468 32.94 -29.40 22.61
C VAL A 468 33.10 -30.73 21.91
N LYS A 469 32.13 -31.62 22.11
CA LYS A 469 32.13 -32.94 21.49
C LYS A 469 30.80 -33.19 20.82
N PHE A 470 30.83 -33.81 19.65
CA PHE A 470 29.65 -34.14 18.87
C PHE A 470 29.54 -35.66 18.72
N GLN A 471 28.31 -36.16 18.77
CA GLN A 471 28.04 -37.57 18.53
C GLN A 471 26.82 -37.72 17.63
N ASP A 472 27.02 -38.37 16.48
CA ASP A 472 26.00 -38.70 15.50
C ASP A 472 24.94 -37.60 15.35
N VAL A 473 25.38 -36.38 15.08
CA VAL A 473 24.46 -35.26 14.95
C VAL A 473 23.96 -35.16 13.51
N SER A 474 22.68 -34.87 13.35
CA SER A 474 22.09 -34.64 12.05
C SER A 474 20.96 -33.63 12.19
N PHE A 475 20.71 -32.88 11.12
CA PHE A 475 19.73 -31.80 11.19
C PHE A 475 19.14 -31.55 9.81
N ALA A 476 17.89 -31.10 9.80
CA ALA A 476 17.22 -30.62 8.60
C ALA A 476 16.35 -29.44 8.96
N TYR A 477 16.22 -28.49 8.04
CA TYR A 477 15.40 -27.31 8.29
C TYR A 477 13.94 -27.71 8.45
N PRO A 478 13.22 -27.10 9.39
CA PRO A 478 11.79 -27.39 9.53
C PRO A 478 10.98 -27.08 8.28
N ASN A 479 11.32 -26.01 7.56
CA ASN A 479 10.62 -25.67 6.32
C ASN A 479 11.07 -26.52 5.14
N ARG A 480 12.24 -27.15 5.23
CA ARG A 480 12.75 -28.02 4.17
C ARG A 480 13.17 -29.34 4.80
N PRO A 481 12.22 -30.14 5.25
CA PRO A 481 12.55 -31.35 6.01
C PRO A 481 12.93 -32.50 5.09
N ASP A 482 13.31 -33.62 5.72
CA ASP A 482 13.62 -34.87 5.02
C ASP A 482 14.81 -34.71 4.06
N ARG A 483 15.61 -33.67 4.26
CA ARG A 483 16.87 -33.49 3.55
C ARG A 483 17.95 -33.16 4.56
N PRO A 484 18.44 -34.16 5.28
CA PRO A 484 19.47 -33.90 6.32
C PRO A 484 20.71 -33.28 5.71
N VAL A 485 20.95 -32.01 6.05
CA VAL A 485 22.14 -31.33 5.57
C VAL A 485 23.40 -31.97 6.14
N LEU A 486 23.37 -32.29 7.43
CA LEU A 486 24.47 -32.95 8.11
C LEU A 486 24.00 -34.35 8.50
N LYS A 487 24.90 -35.33 8.37
CA LYS A 487 24.52 -36.75 8.52
C LYS A 487 25.49 -37.44 9.45
N GLY A 488 25.06 -37.66 10.70
CA GLY A 488 25.79 -38.50 11.64
C GLY A 488 27.21 -38.02 11.93
N LEU A 489 27.40 -36.73 12.15
CA LEU A 489 28.75 -36.21 12.36
C LEU A 489 29.25 -36.56 13.75
N THR A 490 30.57 -36.60 13.88
CA THR A 490 31.19 -36.87 15.18
C THR A 490 32.58 -36.27 15.18
N PHE A 491 32.82 -35.32 16.09
CA PHE A 491 34.12 -34.68 16.22
C PHE A 491 34.18 -34.00 17.58
N THR A 492 35.39 -33.60 17.96
CA THR A 492 35.64 -33.07 19.29
C THR A 492 36.68 -31.95 19.21
N LEU A 493 36.43 -30.88 19.95
CA LEU A 493 37.33 -29.73 20.01
C LEU A 493 37.94 -29.61 21.39
N ARG A 494 39.14 -29.02 21.45
CA ARG A 494 39.85 -28.85 22.71
C ARG A 494 40.25 -27.39 22.85
N PRO A 495 40.37 -26.90 24.09
CA PRO A 495 40.71 -25.48 24.29
C PRO A 495 42.07 -25.10 23.75
N GLY A 496 43.06 -25.99 23.76
CA GLY A 496 44.40 -25.63 23.38
C GLY A 496 44.74 -25.79 21.91
N GLU A 497 43.75 -26.08 21.07
CA GLU A 497 44.00 -26.32 19.66
C GLU A 497 43.12 -25.42 18.81
N VAL A 498 43.25 -25.55 17.49
CA VAL A 498 42.46 -24.81 16.52
C VAL A 498 41.91 -25.79 15.51
N THR A 499 40.63 -25.67 15.20
CA THR A 499 39.96 -26.57 14.27
C THR A 499 39.45 -25.78 13.07
N ALA A 500 39.67 -26.32 11.88
CA ALA A 500 39.28 -25.69 10.62
C ALA A 500 38.34 -26.61 9.85
N LEU A 501 37.31 -26.02 9.25
CA LEU A 501 36.34 -26.75 8.46
C LEU A 501 36.45 -26.34 6.99
N VAL A 502 36.56 -27.33 6.12
CA VAL A 502 36.67 -27.10 4.68
C VAL A 502 35.70 -28.02 3.96
N GLY A 503 35.51 -27.75 2.67
CA GLY A 503 34.56 -28.48 1.87
C GLY A 503 33.35 -27.62 1.53
N PRO A 504 32.96 -27.60 0.26
CA PRO A 504 31.87 -26.71 -0.16
C PRO A 504 30.54 -27.06 0.50
N ASN A 505 30.08 -28.30 0.31
CA ASN A 505 28.82 -28.78 0.88
C ASN A 505 27.64 -27.85 0.54
N GLY A 506 27.79 -27.08 -0.54
CA GLY A 506 26.80 -26.05 -0.84
C GLY A 506 26.63 -25.02 0.24
N SER A 507 27.73 -24.64 0.91
CA SER A 507 27.73 -23.79 2.09
C SER A 507 26.90 -24.36 3.23
N GLY A 508 26.69 -25.68 3.24
CA GLY A 508 25.96 -26.32 4.33
C GLY A 508 26.76 -26.44 5.61
N LYS A 509 28.07 -26.17 5.57
CA LYS A 509 28.87 -26.18 6.77
C LYS A 509 28.48 -25.05 7.73
N SER A 510 27.74 -24.06 7.26
CA SER A 510 27.26 -22.98 8.13
C SER A 510 26.34 -23.51 9.22
N THR A 511 25.72 -24.67 9.00
CA THR A 511 24.82 -25.24 9.99
C THR A 511 25.55 -25.61 11.27
N VAL A 512 26.81 -26.02 11.16
CA VAL A 512 27.59 -26.32 12.36
C VAL A 512 27.73 -25.08 13.22
N ALA A 513 27.99 -23.92 12.59
CA ALA A 513 28.04 -22.67 13.34
C ALA A 513 26.71 -22.35 14.00
N ALA A 514 25.60 -22.65 13.32
CA ALA A 514 24.29 -22.42 13.91
C ALA A 514 23.93 -23.44 14.96
N LEU A 515 24.36 -24.70 14.77
CA LEU A 515 24.02 -25.75 15.73
C LEU A 515 24.76 -25.56 17.04
N LEU A 516 26.01 -25.09 16.98
CA LEU A 516 26.82 -25.02 18.19
C LEU A 516 26.30 -23.97 19.17
N GLN A 517 25.74 -22.87 18.67
CA GLN A 517 25.22 -21.83 19.55
C GLN A 517 23.83 -22.12 20.07
N ASN A 518 23.36 -23.36 19.96
CA ASN A 518 22.05 -23.78 20.48
C ASN A 518 20.92 -22.97 19.87
N LEU A 519 21.07 -22.56 18.60
CA LEU A 519 19.98 -21.89 17.90
C LEU A 519 18.92 -22.92 17.51
N TYR A 520 19.31 -23.88 16.68
CA TYR A 520 18.44 -25.00 16.34
C TYR A 520 18.71 -26.16 17.29
N GLN A 521 18.16 -27.33 16.97
CA GLN A 521 18.39 -28.50 17.79
C GLN A 521 18.81 -29.68 16.92
N PRO A 522 19.69 -30.54 17.42
CA PRO A 522 20.08 -31.73 16.66
C PRO A 522 18.92 -32.72 16.57
N THR A 523 18.51 -33.03 15.33
CA THR A 523 17.44 -34.00 15.15
C THR A 523 17.81 -35.37 15.70
N GLY A 524 19.04 -35.81 15.46
CA GLY A 524 19.53 -37.05 16.03
C GLY A 524 20.82 -36.79 16.80
N GLY A 525 20.99 -37.57 17.86
CA GLY A 525 22.15 -37.39 18.71
C GLY A 525 22.04 -36.15 19.58
N GLN A 526 23.18 -35.75 20.12
CA GLN A 526 23.24 -34.61 21.01
C GLN A 526 24.65 -34.04 20.98
N VAL A 527 24.76 -32.79 21.41
CA VAL A 527 26.04 -32.10 21.51
C VAL A 527 26.32 -31.82 22.98
N LEU A 528 27.54 -32.10 23.42
CA LEU A 528 27.95 -31.91 24.80
C LEU A 528 29.03 -30.84 24.87
N LEU A 529 28.78 -29.80 25.65
CA LEU A 529 29.76 -28.75 25.93
C LEU A 529 30.23 -28.92 27.37
N ASP A 530 31.54 -29.10 27.54
CA ASP A 530 32.10 -29.52 28.82
C ASP A 530 31.40 -30.78 29.30
N GLU A 531 31.13 -31.70 28.37
CA GLU A 531 30.51 -32.99 28.67
C GLU A 531 29.14 -32.84 29.32
N LYS A 532 28.42 -31.77 28.98
CA LYS A 532 27.07 -31.54 29.47
C LYS A 532 26.14 -31.20 28.30
N PRO A 533 24.87 -31.56 28.39
CA PRO A 533 23.92 -31.16 27.35
C PRO A 533 23.80 -29.65 27.28
N ILE A 534 23.99 -29.11 26.07
CA ILE A 534 24.03 -27.66 25.91
C ILE A 534 22.70 -27.02 26.25
N SER A 535 21.61 -27.78 26.14
CA SER A 535 20.30 -27.24 26.49
C SER A 535 20.18 -26.94 27.98
N GLN A 536 20.99 -27.57 28.81
CA GLN A 536 20.93 -27.36 30.26
C GLN A 536 21.56 -26.03 30.68
N TYR A 537 22.41 -25.45 29.85
CA TYR A 537 23.04 -24.18 30.19
C TYR A 537 22.04 -23.03 30.05
N GLU A 538 22.11 -22.09 30.98
CA GLU A 538 21.21 -20.94 30.95
C GLU A 538 21.42 -20.13 29.68
N HIS A 539 20.31 -19.65 29.11
CA HIS A 539 20.37 -18.95 27.83
C HIS A 539 21.24 -17.70 27.92
N CYS A 540 21.06 -16.91 28.98
CA CYS A 540 21.84 -15.69 29.13
C CYS A 540 23.32 -16.00 29.32
N TYR A 541 23.65 -17.04 30.08
CA TYR A 541 25.04 -17.35 30.37
C TYR A 541 25.74 -17.99 29.17
N LEU A 542 25.03 -18.83 28.42
CA LEU A 542 25.67 -19.62 27.37
C LEU A 542 26.30 -18.72 26.31
N HIS A 543 25.55 -17.73 25.83
CA HIS A 543 26.06 -16.82 24.81
C HIS A 543 27.01 -15.77 25.36
N SER A 544 27.27 -15.80 26.67
CA SER A 544 28.35 -15.00 27.23
C SER A 544 29.69 -15.71 27.20
N GLN A 545 29.70 -16.96 26.73
CA GLN A 545 30.93 -17.74 26.60
C GLN A 545 31.21 -18.21 25.18
N VAL A 546 30.15 -18.50 24.41
CA VAL A 546 30.29 -18.96 23.03
C VAL A 546 29.66 -17.90 22.13
N VAL A 547 30.46 -17.35 21.21
CA VAL A 547 30.00 -16.33 20.28
C VAL A 547 30.48 -16.71 18.88
N SER A 548 29.91 -16.06 17.88
CA SER A 548 30.24 -16.34 16.49
C SER A 548 30.25 -15.06 15.68
N VAL A 549 30.97 -15.10 14.57
CA VAL A 549 31.00 -13.99 13.61
C VAL A 549 30.80 -14.54 12.21
N GLY A 550 29.61 -14.36 11.65
CA GLY A 550 29.34 -14.81 10.31
C GLY A 550 30.00 -13.93 9.27
N GLN A 551 29.99 -14.42 8.02
CA GLN A 551 30.55 -13.64 6.92
C GLN A 551 29.74 -12.38 6.65
N GLU A 552 28.50 -12.32 7.13
CA GLU A 552 27.67 -11.14 6.96
C GLU A 552 27.67 -10.33 8.25
N PRO A 553 28.44 -9.25 8.32
CA PRO A 553 28.53 -8.45 9.56
C PRO A 553 27.30 -7.58 9.78
N VAL A 554 26.27 -8.18 10.36
CA VAL A 554 25.02 -7.47 10.62
C VAL A 554 25.24 -6.44 11.71
N LEU A 555 24.75 -5.23 11.48
CA LEU A 555 24.89 -4.13 12.43
C LEU A 555 23.52 -3.50 12.67
N PHE A 556 23.40 -2.85 13.82
CA PHE A 556 22.16 -2.19 14.22
C PHE A 556 22.37 -0.68 14.27
N SER A 557 21.28 0.06 14.11
CA SER A 557 21.32 1.51 14.13
C SER A 557 21.80 2.01 15.49
N GLY A 558 22.48 3.14 15.51
CA GLY A 558 23.03 3.70 16.73
C GLY A 558 24.52 3.91 16.65
N SER A 559 25.09 4.27 17.79
CA SER A 559 26.50 4.58 17.87
C SER A 559 27.36 3.33 17.70
N VAL A 560 28.60 3.54 17.28
CA VAL A 560 29.56 2.43 17.22
C VAL A 560 29.79 1.87 18.62
N ARG A 561 29.86 2.75 19.61
CA ARG A 561 30.06 2.29 20.99
C ARG A 561 28.93 1.38 21.43
N ASN A 562 27.74 1.56 20.85
CA ASN A 562 26.62 0.68 21.18
C ASN A 562 26.71 -0.66 20.47
N ASN A 563 27.20 -0.70 19.24
CA ASN A 563 27.26 -1.95 18.49
C ASN A 563 28.37 -2.87 18.97
N ILE A 564 29.51 -2.30 19.39
CA ILE A 564 30.65 -3.13 19.81
C ILE A 564 30.28 -3.93 21.06
N ALA A 565 29.69 -3.26 22.04
CA ALA A 565 29.28 -3.89 23.29
C ALA A 565 27.82 -4.32 23.28
N TYR A 566 27.29 -4.69 22.12
CA TYR A 566 25.89 -5.06 22.01
C TYR A 566 25.60 -6.30 22.84
N GLY A 567 24.41 -6.32 23.45
CA GLY A 567 23.97 -7.44 24.24
C GLY A 567 24.36 -7.41 25.70
N LEU A 568 25.53 -6.84 26.02
CA LEU A 568 25.96 -6.79 27.41
C LEU A 568 25.11 -5.81 28.21
N GLN A 569 24.92 -6.14 29.50
CA GLN A 569 24.15 -5.26 30.37
C GLN A 569 24.86 -3.92 30.56
N SER A 570 26.19 -3.94 30.69
CA SER A 570 26.96 -2.71 30.79
C SER A 570 28.42 -3.04 30.49
N CYS A 571 29.09 -2.07 29.86
CA CYS A 571 30.50 -2.22 29.52
C CYS A 571 31.17 -0.86 29.62
N GLU A 572 32.39 -0.86 30.17
CA GLU A 572 33.17 0.36 30.27
C GLU A 572 33.78 0.71 28.93
N ASP A 573 33.85 2.02 28.66
CA ASP A 573 34.44 2.48 27.41
C ASP A 573 35.91 2.12 27.33
N ASP A 574 36.59 2.00 28.47
CA ASP A 574 37.99 1.57 28.45
C ASP A 574 38.13 0.16 27.90
N LYS A 575 37.20 -0.74 28.27
CA LYS A 575 37.26 -2.11 27.78
C LYS A 575 37.06 -2.16 26.26
N VAL A 576 36.19 -1.30 25.74
CA VAL A 576 35.95 -1.30 24.29
C VAL A 576 37.19 -0.88 23.53
N MET A 577 37.98 0.05 24.10
CA MET A 577 39.17 0.52 23.42
C MET A 577 40.16 -0.62 23.19
N ALA A 578 40.39 -1.44 24.21
CA ALA A 578 41.28 -2.59 24.04
C ALA A 578 40.72 -3.57 23.01
N ALA A 579 39.42 -3.83 23.08
CA ALA A 579 38.80 -4.72 22.09
C ALA A 579 38.85 -4.12 20.69
N ALA A 580 38.60 -2.82 20.58
CA ALA A 580 38.70 -2.16 19.28
C ALA A 580 40.12 -2.22 18.74
N GLN A 581 41.11 -1.99 19.61
CA GLN A 581 42.51 -2.12 19.19
C GLN A 581 42.85 -3.57 18.87
N ALA A 582 42.35 -4.51 19.66
CA ALA A 582 42.63 -5.92 19.41
C ALA A 582 42.07 -6.37 18.07
N ALA A 583 40.89 -5.88 17.69
CA ALA A 583 40.31 -6.18 16.39
C ALA A 583 40.86 -5.27 15.29
N HIS A 584 41.78 -4.36 15.63
CA HIS A 584 42.33 -3.40 14.68
C HIS A 584 41.24 -2.53 14.07
N ALA A 585 40.17 -2.28 14.82
CA ALA A 585 39.09 -1.41 14.38
C ALA A 585 39.28 0.02 14.88
N ASP A 586 39.97 0.19 16.01
CA ASP A 586 40.22 1.54 16.53
C ASP A 586 41.08 2.35 15.58
N ASP A 587 41.86 1.68 14.72
CA ASP A 587 42.76 2.37 13.81
C ASP A 587 42.02 3.21 12.78
N PHE A 588 40.75 2.91 12.51
CA PHE A 588 39.99 3.68 11.54
C PHE A 588 38.78 4.40 12.11
N ILE A 589 38.18 3.88 13.18
CA ILE A 589 37.00 4.53 13.75
C ILE A 589 37.35 5.89 14.33
N GLN A 590 38.62 6.10 14.69
CA GLN A 590 39.04 7.40 15.23
C GLN A 590 38.92 8.52 14.21
N GLU A 591 38.86 8.20 12.91
CA GLU A 591 38.62 9.22 11.91
C GLU A 591 37.22 9.81 12.03
N MET A 592 36.26 9.01 12.49
CA MET A 592 34.88 9.45 12.60
C MET A 592 34.73 10.51 13.68
N GLU A 593 33.61 11.24 13.61
CA GLU A 593 33.33 12.29 14.59
C GLU A 593 33.11 11.67 15.97
N HIS A 594 33.63 12.34 17.00
CA HIS A 594 33.50 11.96 18.40
C HIS A 594 34.05 10.56 18.69
N GLY A 595 34.83 9.99 17.78
CA GLY A 595 35.39 8.67 18.02
C GLY A 595 34.31 7.60 18.03
N ILE A 596 34.26 6.86 19.14
CA ILE A 596 33.40 5.69 19.24
C ILE A 596 31.92 6.04 19.25
N TYR A 597 31.58 7.30 19.56
CA TYR A 597 30.18 7.67 19.67
C TYR A 597 29.58 8.14 18.35
N THR A 598 30.30 8.01 17.24
CA THR A 598 29.73 8.31 15.94
C THR A 598 28.56 7.40 15.65
N ASP A 599 27.55 7.94 14.97
CA ASP A 599 26.37 7.14 14.65
C ASP A 599 26.65 6.25 13.45
N VAL A 600 25.81 5.23 13.30
CA VAL A 600 25.86 4.31 12.18
C VAL A 600 24.48 4.25 11.54
N GLY A 601 24.43 4.33 10.22
CA GLY A 601 23.16 4.22 9.53
C GLY A 601 22.50 2.88 9.78
N GLU A 602 21.18 2.86 9.57
CA GLU A 602 20.40 1.66 9.81
C GLU A 602 20.93 0.50 8.99
N LYS A 603 21.02 -0.67 9.63
CA LYS A 603 21.57 -1.88 9.01
C LYS A 603 22.99 -1.65 8.50
N GLY A 604 23.73 -0.77 9.18
CA GLY A 604 25.10 -0.46 8.78
C GLY A 604 25.23 0.19 7.42
N SER A 605 24.28 1.03 7.02
CA SER A 605 24.33 1.66 5.70
C SER A 605 25.44 2.68 5.58
N GLN A 606 25.95 3.20 6.70
CA GLN A 606 26.92 4.28 6.68
C GLN A 606 28.36 3.80 6.56
N LEU A 607 28.64 2.54 6.86
CA LEU A 607 30.00 2.04 6.94
C LEU A 607 30.28 1.06 5.80
N ALA A 608 31.57 0.92 5.48
CA ALA A 608 32.00 0.04 4.40
C ALA A 608 32.10 -1.41 4.88
N ALA A 609 32.01 -2.33 3.92
CA ALA A 609 31.97 -3.75 4.26
C ALA A 609 33.25 -4.19 4.98
N GLY A 610 34.41 -3.75 4.49
CA GLY A 610 35.64 -4.06 5.17
C GLY A 610 35.68 -3.53 6.59
N GLN A 611 35.12 -2.35 6.82
CA GLN A 611 35.00 -1.83 8.17
C GLN A 611 33.95 -2.59 8.96
N LYS A 612 32.89 -3.03 8.30
CA LYS A 612 31.83 -3.78 8.97
C LYS A 612 32.34 -5.10 9.52
N GLN A 613 33.20 -5.79 8.75
CA GLN A 613 33.75 -7.06 9.22
C GLN A 613 34.56 -6.87 10.49
N ARG A 614 35.34 -5.79 10.57
CA ARG A 614 36.14 -5.53 11.76
C ARG A 614 35.26 -5.25 12.96
N LEU A 615 34.14 -4.56 12.75
CA LEU A 615 33.23 -4.27 13.86
C LEU A 615 32.70 -5.54 14.48
N ALA A 616 32.28 -6.51 13.65
CA ALA A 616 31.79 -7.77 14.18
C ALA A 616 32.88 -8.51 14.94
N ILE A 617 34.12 -8.45 14.45
CA ILE A 617 35.24 -9.10 15.14
C ILE A 617 35.40 -8.49 16.53
N ALA A 618 35.33 -7.16 16.63
CA ALA A 618 35.39 -6.51 17.94
C ALA A 618 34.18 -6.87 18.78
N ARG A 619 33.02 -7.04 18.15
CA ARG A 619 31.82 -7.45 18.88
C ARG A 619 31.98 -8.81 19.54
N ALA A 620 32.81 -9.69 18.98
CA ALA A 620 33.05 -10.98 19.60
C ALA A 620 34.19 -10.91 20.61
N LEU A 621 35.23 -10.15 20.28
CA LEU A 621 36.42 -10.12 21.15
C LEU A 621 36.15 -9.37 22.46
N VAL A 622 35.17 -8.45 22.46
CA VAL A 622 34.89 -7.68 23.66
C VAL A 622 34.17 -8.52 24.71
N ARG A 623 33.56 -9.63 24.32
CA ARG A 623 32.79 -10.45 25.24
C ARG A 623 33.63 -11.47 25.99
N ASP A 624 34.92 -11.55 25.70
CA ASP A 624 35.82 -12.54 26.30
C ASP A 624 35.26 -13.96 26.17
N PRO A 625 35.03 -14.43 24.93
CA PRO A 625 34.42 -15.75 24.77
C PRO A 625 35.41 -16.87 25.02
N ARG A 626 34.87 -18.08 25.24
CA ARG A 626 35.69 -19.26 25.42
C ARG A 626 35.64 -20.20 24.21
N VAL A 627 34.60 -20.10 23.38
CA VAL A 627 34.52 -20.88 22.15
C VAL A 627 34.15 -19.95 21.00
N LEU A 628 35.13 -19.64 20.15
CA LEU A 628 34.94 -18.71 19.05
C LEU A 628 34.57 -19.45 17.77
N ILE A 629 33.69 -18.85 16.98
CA ILE A 629 33.29 -19.39 15.69
C ILE A 629 33.45 -18.27 14.66
N LEU A 630 34.41 -18.41 13.76
CA LEU A 630 34.66 -17.44 12.70
C LEU A 630 34.33 -18.07 11.37
N ASP A 631 33.51 -17.41 10.57
CA ASP A 631 33.03 -17.93 9.30
C ASP A 631 33.59 -17.08 8.17
N GLU A 632 34.32 -17.71 7.25
CA GLU A 632 34.81 -17.06 6.03
C GLU A 632 35.58 -15.79 6.36
N ALA A 633 36.54 -15.88 7.28
CA ALA A 633 37.32 -14.73 7.67
C ALA A 633 38.22 -14.22 6.54
N THR A 634 38.42 -15.02 5.50
CA THR A 634 39.28 -14.62 4.38
C THR A 634 38.63 -13.60 3.47
N SER A 635 37.38 -13.22 3.72
CA SER A 635 36.70 -12.26 2.86
C SER A 635 37.40 -10.90 2.83
N ALA A 636 37.78 -10.36 3.99
CA ALA A 636 38.47 -9.08 4.03
C ALA A 636 39.67 -9.12 4.98
N LEU A 637 39.65 -10.06 5.93
CA LEU A 637 40.71 -10.16 6.92
C LEU A 637 41.80 -11.09 6.39
N ASP A 638 43.03 -10.58 6.31
CA ASP A 638 44.14 -11.36 5.83
C ASP A 638 44.59 -12.36 6.90
N VAL A 639 45.64 -13.12 6.57
CA VAL A 639 46.18 -14.09 7.51
C VAL A 639 46.71 -13.40 8.76
N GLN A 640 47.45 -12.30 8.59
CA GLN A 640 47.95 -11.56 9.75
C GLN A 640 46.81 -10.99 10.57
N CYS A 641 45.78 -10.46 9.91
CA CYS A 641 44.60 -9.98 10.63
C CYS A 641 43.89 -11.13 11.35
N GLU A 642 43.78 -12.28 10.68
CA GLU A 642 43.16 -13.44 11.31
C GLU A 642 44.03 -13.99 12.45
N GLN A 643 45.36 -13.95 12.28
CA GLN A 643 46.25 -14.46 13.32
C GLN A 643 46.16 -13.62 14.59
N ALA A 644 45.88 -12.33 14.47
CA ALA A 644 45.70 -11.49 15.65
C ALA A 644 44.52 -11.97 16.48
N LEU A 645 43.41 -12.30 15.81
CA LEU A 645 42.27 -12.87 16.52
C LEU A 645 42.61 -14.24 17.09
N GLN A 646 43.38 -15.04 16.36
CA GLN A 646 43.78 -16.36 16.82
C GLN A 646 44.78 -16.30 17.97
N ASP A 647 45.41 -15.14 18.21
CA ASP A 647 46.40 -14.99 19.26
C ASP A 647 45.86 -14.31 20.51
N TRP A 648 44.57 -14.00 20.56
CA TRP A 648 43.99 -13.33 21.71
C TRP A 648 43.75 -14.33 22.84
N ASN A 649 43.34 -13.81 23.99
CA ASN A 649 43.05 -14.66 25.14
C ASN A 649 41.87 -15.59 24.87
N SER A 650 41.00 -15.23 23.94
CA SER A 650 39.88 -16.08 23.55
C SER A 650 40.26 -17.09 22.48
N ARG A 651 41.49 -17.05 21.98
CA ARG A 651 41.94 -18.04 21.01
C ARG A 651 43.35 -18.54 21.32
N GLY A 652 44.06 -17.84 22.22
CA GLY A 652 45.37 -18.31 22.65
C GLY A 652 45.33 -19.58 23.47
N ASP A 653 44.31 -19.73 24.32
CA ASP A 653 44.11 -20.96 25.08
C ASP A 653 42.65 -21.36 25.09
N ARG A 654 41.89 -20.99 24.07
CA ARG A 654 40.47 -21.29 24.00
C ARG A 654 40.13 -21.79 22.59
N THR A 655 39.10 -22.63 22.52
CA THR A 655 38.72 -23.24 21.25
C THR A 655 38.23 -22.17 20.27
N VAL A 656 38.69 -22.27 19.03
CA VAL A 656 38.26 -21.39 17.95
C VAL A 656 37.98 -22.23 16.71
N LEU A 657 36.81 -22.02 16.11
CA LEU A 657 36.43 -22.70 14.88
C LEU A 657 36.50 -21.71 13.72
N VAL A 658 37.22 -22.10 12.68
CA VAL A 658 37.37 -21.29 11.47
C VAL A 658 36.83 -22.08 10.29
N ILE A 659 35.98 -21.44 9.50
CA ILE A 659 35.34 -22.08 8.35
C ILE A 659 35.66 -21.25 7.11
N ALA A 660 36.21 -21.91 6.09
CA ALA A 660 36.59 -21.24 4.85
C ALA A 660 36.60 -22.26 3.73
N HIS A 661 37.02 -21.82 2.55
CA HIS A 661 37.09 -22.68 1.38
C HIS A 661 38.52 -22.80 0.87
N ARG A 662 39.35 -21.79 1.14
CA ARG A 662 40.73 -21.79 0.70
C ARG A 662 41.59 -22.63 1.65
N LEU A 663 42.79 -22.97 1.18
CA LEU A 663 43.73 -23.77 1.96
C LEU A 663 44.59 -22.94 2.90
N GLN A 664 44.37 -21.63 2.99
CA GLN A 664 45.17 -20.78 3.86
C GLN A 664 45.00 -21.14 5.33
N THR A 665 43.90 -21.79 5.70
CA THR A 665 43.68 -22.15 7.10
C THR A 665 44.64 -23.26 7.54
N VAL A 666 45.23 -23.99 6.60
CA VAL A 666 46.13 -25.08 6.93
C VAL A 666 47.43 -24.60 7.55
N GLN A 667 47.74 -23.31 7.47
CA GLN A 667 49.00 -22.80 7.99
C GLN A 667 49.06 -22.84 9.51
N ARG A 668 47.93 -22.77 10.20
CA ARG A 668 47.94 -22.72 11.66
C ARG A 668 46.93 -23.64 12.33
N ALA A 669 45.97 -24.22 11.59
CA ALA A 669 44.99 -25.09 12.22
C ALA A 669 45.64 -26.37 12.72
N HIS A 670 45.28 -26.77 13.94
CA HIS A 670 45.84 -27.99 14.52
C HIS A 670 45.30 -29.23 13.82
N GLN A 671 44.00 -29.27 13.53
CA GLN A 671 43.36 -30.39 12.87
C GLN A 671 42.48 -29.88 11.75
N ILE A 672 42.26 -30.73 10.74
CA ILE A 672 41.51 -30.36 9.55
C ILE A 672 40.35 -31.32 9.38
N LEU A 673 39.15 -30.78 9.18
CA LEU A 673 37.97 -31.56 8.85
C LEU A 673 37.42 -31.09 7.52
N VAL A 674 37.22 -32.04 6.60
CA VAL A 674 36.71 -31.75 5.27
C VAL A 674 35.26 -32.22 5.20
N LEU A 675 34.38 -31.35 4.71
CA LEU A 675 32.95 -31.61 4.66
C LEU A 675 32.56 -31.87 3.21
N GLN A 676 32.13 -33.10 2.92
CA GLN A 676 31.66 -33.48 1.59
C GLN A 676 30.31 -34.16 1.71
N GLU A 677 29.32 -33.61 1.02
CA GLU A 677 27.96 -34.15 1.00
C GLU A 677 27.44 -34.36 2.42
N GLY A 678 27.63 -33.35 3.26
CA GLY A 678 27.18 -33.41 4.63
C GLY A 678 27.85 -34.46 5.49
N LYS A 679 29.03 -34.95 5.09
CA LYS A 679 29.77 -35.93 5.86
C LYS A 679 31.23 -35.52 5.95
N LEU A 680 31.81 -35.64 7.15
CA LEU A 680 33.24 -35.41 7.33
C LEU A 680 34.00 -36.67 7.02
N GLN A 681 35.06 -36.55 6.22
CA GLN A 681 35.89 -37.70 5.88
C GLN A 681 36.81 -38.05 7.04
N VAL B 173 -3.42 29.07 -16.62
CA VAL B 173 -2.67 28.77 -15.41
C VAL B 173 -2.90 27.32 -15.00
N ARG B 174 -4.06 27.07 -14.38
CA ARG B 174 -4.40 25.72 -13.97
C ARG B 174 -4.62 24.82 -15.18
N ARG B 175 -4.08 23.61 -15.12
CA ARG B 175 -4.18 22.69 -16.25
C ARG B 175 -5.26 21.64 -16.05
N LEU B 176 -5.79 21.53 -14.83
CA LEU B 176 -6.72 20.43 -14.52
C LEU B 176 -8.01 20.49 -15.33
N LEU B 177 -8.34 21.64 -15.92
CA LEU B 177 -9.58 21.79 -16.66
C LEU B 177 -9.41 21.59 -18.17
N GLY B 178 -8.26 21.10 -18.62
CA GLY B 178 -8.01 20.98 -20.05
C GLY B 178 -8.81 19.91 -20.74
N CYS B 179 -9.30 18.91 -20.00
CA CYS B 179 -10.01 17.80 -20.61
C CYS B 179 -11.51 18.00 -20.67
N LEU B 180 -12.02 19.15 -20.24
CA LEU B 180 -13.46 19.36 -20.18
C LEU B 180 -14.04 19.79 -21.52
N GLY B 181 -13.20 20.04 -22.53
CA GLY B 181 -13.69 20.58 -23.79
C GLY B 181 -14.52 19.61 -24.62
N SER B 182 -14.36 18.31 -24.42
CA SER B 182 -15.02 17.32 -25.26
C SER B 182 -16.47 17.07 -24.86
N GLU B 183 -16.89 17.47 -23.65
CA GLU B 183 -18.26 17.23 -23.24
C GLU B 183 -18.90 18.42 -22.53
N THR B 184 -18.74 19.63 -23.07
CA THR B 184 -19.24 20.82 -22.38
C THR B 184 -20.76 20.80 -22.25
N ARG B 185 -21.46 20.34 -23.29
CA ARG B 185 -22.92 20.38 -23.27
C ARG B 185 -23.50 19.50 -22.18
N ARG B 186 -22.87 18.35 -21.90
CA ARG B 186 -23.39 17.44 -20.88
C ARG B 186 -23.39 18.09 -19.50
N LEU B 187 -22.29 18.77 -19.15
CA LEU B 187 -22.19 19.39 -17.84
C LEU B 187 -23.15 20.56 -17.68
N SER B 188 -23.33 21.35 -18.74
CA SER B 188 -24.22 22.51 -18.67
C SER B 188 -25.65 22.07 -18.36
N LEU B 189 -26.11 21.00 -19.01
CA LEU B 189 -27.43 20.45 -18.70
C LEU B 189 -27.47 19.94 -17.26
N PHE B 190 -26.37 19.33 -16.80
CA PHE B 190 -26.33 18.81 -15.43
C PHE B 190 -26.55 19.91 -14.41
N LEU B 191 -25.96 21.09 -14.65
CA LEU B 191 -26.16 22.22 -13.75
C LEU B 191 -27.63 22.64 -13.72
N VAL B 192 -28.29 22.62 -14.89
CA VAL B 192 -29.71 22.99 -14.94
C VAL B 192 -30.54 22.02 -14.12
N LEU B 193 -30.21 20.73 -14.18
CA LEU B 193 -30.96 19.74 -13.42
C LEU B 193 -30.71 19.89 -11.92
N VAL B 194 -29.51 20.30 -11.52
CA VAL B 194 -29.20 20.44 -10.09
C VAL B 194 -29.99 21.57 -9.48
N VAL B 195 -30.02 22.74 -10.15
CA VAL B 195 -30.72 23.89 -9.58
C VAL B 195 -32.22 23.62 -9.53
N LEU B 196 -32.75 22.87 -10.51
CA LEU B 196 -34.16 22.51 -10.47
C LEU B 196 -34.48 21.64 -9.27
N SER B 197 -33.61 20.68 -8.97
CA SER B 197 -33.85 19.82 -7.81
C SER B 197 -33.66 20.59 -6.51
N SER B 198 -32.71 21.52 -6.48
CA SER B 198 -32.44 22.28 -5.25
C SER B 198 -33.66 23.09 -4.82
N LEU B 199 -34.32 23.75 -5.78
CA LEU B 199 -35.51 24.52 -5.46
C LEU B 199 -36.64 23.62 -4.98
N GLY B 200 -36.80 22.44 -5.60
CA GLY B 200 -37.90 21.56 -5.25
C GLY B 200 -37.81 21.03 -3.84
N GLU B 201 -36.60 20.83 -3.33
CA GLU B 201 -36.44 20.29 -1.98
C GLU B 201 -36.86 21.31 -0.92
N MET B 202 -36.73 22.60 -1.22
CA MET B 202 -37.04 23.65 -0.25
C MET B 202 -38.53 23.73 0.09
N ALA B 203 -39.39 23.08 -0.70
CA ALA B 203 -40.82 23.18 -0.44
C ALA B 203 -41.23 22.43 0.82
N ILE B 204 -40.39 21.52 1.30
CA ILE B 204 -40.76 20.65 2.42
C ILE B 204 -41.00 21.49 3.69
N PRO B 205 -40.09 22.38 4.10
CA PRO B 205 -40.39 23.20 5.28
C PRO B 205 -41.22 24.43 4.96
N PHE B 206 -41.09 24.99 3.76
CA PHE B 206 -41.79 26.21 3.41
C PHE B 206 -43.29 26.06 3.60
N PHE B 207 -43.86 24.98 3.07
CA PHE B 207 -45.28 24.73 3.30
C PHE B 207 -45.56 24.43 4.77
N THR B 208 -44.66 23.69 5.43
CA THR B 208 -44.91 23.26 6.80
C THR B 208 -45.30 24.44 7.70
N GLY B 209 -44.67 25.59 7.48
CA GLY B 209 -45.10 26.79 8.19
C GLY B 209 -46.49 27.23 7.76
N ARG B 210 -46.83 27.02 6.49
CA ARG B 210 -48.08 27.58 5.97
C ARG B 210 -49.29 26.78 6.44
N LEU B 211 -49.22 25.44 6.42
CA LEU B 211 -50.33 24.65 6.95
C LEU B 211 -50.53 24.90 8.43
N THR B 212 -49.45 24.99 9.20
CA THR B 212 -49.56 25.21 10.63
C THR B 212 -50.26 26.53 10.93
N ASP B 213 -49.90 27.59 10.21
CA ASP B 213 -50.56 28.89 10.41
C ASP B 213 -52.03 28.82 10.01
N TRP B 214 -52.33 28.10 8.93
CA TRP B 214 -53.69 28.09 8.39
C TRP B 214 -54.68 27.51 9.40
N ILE B 215 -54.29 26.43 10.09
CA ILE B 215 -55.20 25.75 10.99
C ILE B 215 -55.32 26.45 12.35
N LEU B 216 -54.30 27.17 12.79
CA LEU B 216 -54.42 27.90 14.04
C LEU B 216 -55.25 29.17 13.87
N GLN B 217 -55.22 29.78 12.68
CA GLN B 217 -55.98 30.99 12.44
C GLN B 217 -57.32 30.74 11.74
N ASP B 218 -57.51 29.55 11.17
CA ASP B 218 -58.72 29.23 10.45
C ASP B 218 -59.04 27.75 10.64
N GLY B 219 -60.27 27.39 10.36
CA GLY B 219 -60.71 26.01 10.49
C GLY B 219 -60.24 25.15 9.34
N SER B 220 -60.84 23.96 9.26
CA SER B 220 -60.54 23.02 8.19
C SER B 220 -61.15 23.50 6.88
N ALA B 221 -60.57 24.54 6.28
CA ALA B 221 -61.18 25.22 5.15
C ALA B 221 -60.72 24.65 3.81
N ASP B 222 -60.28 23.38 3.81
CA ASP B 222 -59.98 22.64 2.59
C ASP B 222 -58.82 23.26 1.80
N THR B 223 -58.21 24.32 2.35
CA THR B 223 -57.09 24.95 1.66
C THR B 223 -55.81 24.12 1.81
N PHE B 224 -55.78 23.21 2.78
CA PHE B 224 -54.59 22.39 2.99
C PHE B 224 -54.36 21.41 1.85
N THR B 225 -55.43 20.93 1.21
CA THR B 225 -55.28 19.95 0.16
C THR B 225 -54.45 20.49 -1.01
N ARG B 226 -54.79 21.69 -1.48
CA ARG B 226 -54.03 22.29 -2.57
C ARG B 226 -52.61 22.65 -2.12
N ASN B 227 -52.46 23.13 -0.89
CA ASN B 227 -51.14 23.48 -0.38
C ASN B 227 -50.28 22.23 -0.21
N LEU B 228 -50.87 21.16 0.33
CA LEU B 228 -50.13 19.93 0.54
C LEU B 228 -49.75 19.26 -0.78
N THR B 229 -50.61 19.40 -1.80
CA THR B 229 -50.34 18.75 -3.08
C THR B 229 -49.05 19.27 -3.71
N LEU B 230 -48.83 20.59 -3.63
CA LEU B 230 -47.60 21.16 -4.17
C LEU B 230 -46.38 20.63 -3.44
N MET B 231 -46.50 20.33 -2.15
CA MET B 231 -45.39 19.77 -1.40
C MET B 231 -44.94 18.43 -1.96
N SER B 232 -45.90 17.57 -2.32
CA SER B 232 -45.55 16.25 -2.85
C SER B 232 -44.89 16.37 -4.21
N ILE B 233 -45.46 17.20 -5.09
CA ILE B 233 -45.00 17.25 -6.47
C ILE B 233 -43.59 17.81 -6.55
N LEU B 234 -43.33 18.91 -5.84
CA LEU B 234 -42.04 19.60 -5.95
C LEU B 234 -40.90 18.71 -5.49
N THR B 235 -41.07 18.03 -4.36
CA THR B 235 -40.01 17.14 -3.87
C THR B 235 -39.85 15.91 -4.74
N ILE B 236 -40.92 15.45 -5.39
CA ILE B 236 -40.80 14.35 -6.34
C ILE B 236 -39.95 14.77 -7.53
N ALA B 237 -40.16 15.99 -8.03
CA ALA B 237 -39.35 16.49 -9.12
C ALA B 237 -37.88 16.58 -8.71
N SER B 238 -37.62 17.04 -7.48
CA SER B 238 -36.24 17.13 -7.01
C SER B 238 -35.57 15.77 -7.00
N ALA B 239 -36.23 14.77 -6.43
CA ALA B 239 -35.65 13.43 -6.41
C ALA B 239 -35.48 12.86 -7.82
N VAL B 240 -36.50 13.03 -8.65
CA VAL B 240 -36.44 12.51 -10.01
C VAL B 240 -35.38 13.26 -10.82
N LEU B 241 -35.40 14.59 -10.75
CA LEU B 241 -34.42 15.38 -11.48
C LEU B 241 -33.02 15.25 -10.90
N GLU B 242 -32.89 14.91 -9.62
CA GLU B 242 -31.57 14.59 -9.09
C GLU B 242 -31.03 13.34 -9.76
N PHE B 243 -31.84 12.28 -9.81
CA PHE B 243 -31.38 11.00 -10.34
C PHE B 243 -30.98 11.13 -11.80
N VAL B 244 -31.84 11.74 -12.61
CA VAL B 244 -31.46 12.05 -13.98
C VAL B 244 -30.27 13.00 -14.01
N GLY B 245 -30.10 13.80 -12.96
CA GLY B 245 -28.97 14.71 -12.87
C GLY B 245 -27.64 14.01 -12.71
N ASP B 246 -27.40 13.36 -11.56
CA ASP B 246 -26.08 12.79 -11.34
C ASP B 246 -25.82 11.61 -12.26
N GLY B 247 -26.87 10.85 -12.62
CA GLY B 247 -26.71 9.74 -13.52
C GLY B 247 -26.10 10.13 -14.85
N ILE B 248 -26.41 11.33 -15.34
CA ILE B 248 -25.71 11.88 -16.49
C ILE B 248 -24.26 12.20 -16.15
N TYR B 249 -24.02 12.68 -14.93
CA TYR B 249 -22.68 13.11 -14.53
C TYR B 249 -21.70 11.93 -14.54
N ASN B 250 -21.96 10.91 -13.72
CA ASN B 250 -20.98 9.83 -13.57
C ASN B 250 -20.82 9.05 -14.86
N ASN B 251 -21.91 8.84 -15.60
CA ASN B 251 -21.82 8.15 -16.88
C ASN B 251 -20.91 8.90 -17.84
N THR B 252 -21.07 10.22 -17.92
CA THR B 252 -20.15 11.03 -18.72
C THR B 252 -18.79 11.15 -18.05
N MET B 253 -18.75 11.15 -16.72
CA MET B 253 -17.48 11.24 -16.01
C MET B 253 -16.62 10.04 -16.31
N GLY B 254 -17.22 8.84 -16.33
CA GLY B 254 -16.47 7.64 -16.63
C GLY B 254 -15.90 7.62 -18.04
N HIS B 255 -16.69 8.12 -19.00
CA HIS B 255 -16.23 8.11 -20.40
C HIS B 255 -14.98 8.96 -20.57
N VAL B 256 -14.97 10.16 -20.01
CA VAL B 256 -13.75 10.96 -20.06
C VAL B 256 -12.69 10.37 -19.13
N HIS B 257 -13.10 9.81 -17.98
CA HIS B 257 -12.14 9.13 -17.09
C HIS B 257 -11.44 7.99 -17.81
N SER B 258 -12.17 7.27 -18.65
CA SER B 258 -11.57 6.16 -19.37
C SER B 258 -10.52 6.69 -20.34
N HIS B 259 -10.89 7.70 -21.11
CA HIS B 259 -9.96 8.27 -22.07
C HIS B 259 -8.70 8.78 -21.38
N LEU B 260 -8.86 9.39 -20.21
CA LEU B 260 -7.72 9.94 -19.50
C LEU B 260 -6.70 8.86 -19.16
N GLN B 261 -7.17 7.70 -18.73
CA GLN B 261 -6.26 6.63 -18.33
C GLN B 261 -5.45 6.11 -19.50
N GLY B 262 -6.11 5.88 -20.64
CA GLY B 262 -5.41 5.33 -21.78
C GLY B 262 -4.37 6.27 -22.33
N GLU B 263 -4.68 7.57 -22.36
CA GLU B 263 -3.73 8.57 -22.86
C GLU B 263 -2.53 8.70 -21.94
N VAL B 264 -2.77 8.71 -20.62
CA VAL B 264 -1.65 8.78 -19.68
C VAL B 264 -0.78 7.53 -19.79
N PHE B 265 -1.41 6.35 -19.88
CA PHE B 265 -0.67 5.14 -20.22
C PHE B 265 -0.09 5.24 -21.63
N GLY B 266 -0.80 5.87 -22.55
CA GLY B 266 -0.29 5.99 -23.91
C GLY B 266 0.88 6.94 -23.99
N ALA B 267 1.08 7.76 -22.96
CA ALA B 267 2.19 8.71 -22.97
C ALA B 267 3.44 8.12 -22.34
N VAL B 268 3.27 7.45 -21.20
CA VAL B 268 4.43 6.89 -20.51
C VAL B 268 5.18 5.89 -21.37
N LEU B 269 4.45 5.09 -22.15
CA LEU B 269 5.08 4.11 -23.02
C LEU B 269 5.92 4.78 -24.09
N ARG B 270 5.52 5.98 -24.50
CA ARG B 270 6.25 6.68 -25.56
C ARG B 270 7.58 7.23 -25.08
N GLN B 271 8.29 6.48 -24.24
CA GLN B 271 9.57 6.93 -23.75
C GLN B 271 10.63 5.85 -23.95
N GLU B 272 11.88 6.20 -23.63
CA GLU B 272 12.99 5.29 -23.86
C GLU B 272 12.94 4.12 -22.88
N THR B 273 13.88 3.20 -23.06
CA THR B 273 13.97 2.00 -22.24
C THR B 273 14.80 2.19 -20.98
N GLU B 274 15.29 3.41 -20.73
CA GLU B 274 16.09 3.68 -19.54
C GLU B 274 15.26 3.51 -18.27
N MET B 285 7.64 2.26 -12.44
CA MET B 285 7.16 3.09 -13.55
C MET B 285 5.64 3.04 -13.53
N SER B 286 5.10 1.89 -13.10
CA SER B 286 3.65 1.74 -12.99
C SER B 286 3.05 2.68 -11.95
N ARG B 287 3.88 3.27 -11.09
CA ARG B 287 3.38 4.24 -10.12
C ARG B 287 2.72 5.43 -10.80
N VAL B 288 3.18 5.77 -12.01
CA VAL B 288 2.61 6.89 -12.75
C VAL B 288 1.15 6.64 -13.12
N THR B 289 0.77 5.38 -13.35
CA THR B 289 -0.63 5.06 -13.58
C THR B 289 -1.39 4.85 -12.29
N GLU B 290 -0.70 4.65 -11.17
CA GLU B 290 -1.38 4.38 -9.91
C GLU B 290 -1.99 5.65 -9.31
N ASP B 291 -1.23 6.76 -9.33
CA ASP B 291 -1.74 7.99 -8.72
C ASP B 291 -2.94 8.52 -9.48
N THR B 292 -2.88 8.50 -10.81
CA THR B 292 -4.04 8.94 -11.59
C THR B 292 -5.20 7.98 -11.44
N SER B 293 -4.92 6.73 -11.05
CA SER B 293 -5.99 5.77 -10.77
C SER B 293 -6.71 6.07 -9.47
N THR B 294 -6.10 6.84 -8.57
CA THR B 294 -6.74 7.22 -7.31
C THR B 294 -6.97 8.71 -7.17
N LEU B 295 -6.28 9.53 -7.96
CA LEU B 295 -6.57 10.96 -7.96
C LEU B 295 -7.85 11.25 -8.75
N SER B 296 -8.11 10.47 -9.79
CA SER B 296 -9.29 10.70 -10.62
C SER B 296 -10.58 10.45 -9.86
N ASP B 297 -10.67 9.29 -9.20
CA ASP B 297 -11.91 8.96 -8.49
C ASP B 297 -12.11 9.87 -7.28
N SER B 298 -11.01 10.29 -6.63
CA SER B 298 -11.12 11.21 -5.52
C SER B 298 -11.69 12.55 -5.96
N LEU B 299 -11.22 13.07 -7.10
CA LEU B 299 -11.73 14.35 -7.61
C LEU B 299 -13.14 14.18 -8.18
N SER B 300 -13.35 13.12 -8.96
CA SER B 300 -14.62 12.96 -9.67
C SER B 300 -15.80 12.80 -8.73
N GLU B 301 -15.62 12.16 -7.57
CA GLU B 301 -16.72 11.99 -6.64
C GLU B 301 -16.94 13.24 -5.81
N ASN B 302 -15.85 13.83 -5.31
CA ASN B 302 -15.97 15.01 -4.46
C ASN B 302 -16.48 16.22 -5.25
N LEU B 303 -16.12 16.33 -6.53
CA LEU B 303 -16.59 17.44 -7.33
C LEU B 303 -18.11 17.45 -7.45
N SER B 304 -18.71 16.27 -7.61
CA SER B 304 -20.16 16.19 -7.67
C SER B 304 -20.81 16.66 -6.37
N LEU B 305 -20.23 16.27 -5.24
CA LEU B 305 -20.77 16.68 -3.95
C LEU B 305 -20.72 18.19 -3.78
N PHE B 306 -19.61 18.81 -4.19
CA PHE B 306 -19.47 20.25 -4.06
C PHE B 306 -20.47 20.98 -4.95
N LEU B 307 -20.68 20.47 -6.17
CA LEU B 307 -21.65 21.09 -7.07
C LEU B 307 -23.06 21.02 -6.50
N TRP B 308 -23.43 19.87 -5.91
CA TRP B 308 -24.77 19.71 -5.38
C TRP B 308 -25.00 20.64 -4.20
N TYR B 309 -24.09 20.63 -3.23
CA TYR B 309 -24.33 21.37 -1.99
C TYR B 309 -24.15 22.87 -2.17
N LEU B 310 -23.24 23.31 -3.05
CA LEU B 310 -23.09 24.73 -3.28
C LEU B 310 -24.36 25.33 -3.88
N VAL B 311 -24.93 24.65 -4.88
CA VAL B 311 -26.21 25.10 -5.44
C VAL B 311 -27.31 24.99 -4.39
N ARG B 312 -27.34 23.88 -3.66
CA ARG B 312 -28.31 23.73 -2.58
C ARG B 312 -28.10 24.79 -1.51
N GLY B 313 -26.84 25.03 -1.13
CA GLY B 313 -26.56 26.08 -0.17
C GLY B 313 -26.94 27.46 -0.69
N LEU B 314 -26.65 27.73 -1.97
CA LEU B 314 -27.00 29.01 -2.57
C LEU B 314 -28.51 29.19 -2.62
N CYS B 315 -29.22 28.19 -3.16
CA CYS B 315 -30.66 28.30 -3.31
C CYS B 315 -31.40 28.23 -1.98
N LEU B 316 -30.83 27.56 -0.97
CA LEU B 316 -31.41 27.63 0.36
C LEU B 316 -31.41 29.06 0.89
N LEU B 317 -30.32 29.78 0.63
CA LEU B 317 -30.27 31.19 1.01
C LEU B 317 -31.25 32.02 0.20
N GLY B 318 -31.53 31.61 -1.03
CA GLY B 318 -32.43 32.36 -1.88
C GLY B 318 -33.85 32.41 -1.36
N ILE B 319 -34.34 31.30 -0.81
CA ILE B 319 -35.69 31.26 -0.25
C ILE B 319 -35.69 31.70 1.21
N MET B 320 -34.63 31.34 1.95
CA MET B 320 -34.51 31.78 3.33
C MET B 320 -34.51 33.29 3.44
N LEU B 321 -33.92 33.97 2.44
CA LEU B 321 -33.96 35.43 2.37
C LEU B 321 -35.35 35.96 2.04
N TRP B 322 -36.22 35.14 1.46
CA TRP B 322 -37.57 35.57 1.12
C TRP B 322 -38.52 35.50 2.31
N GLY B 323 -38.11 34.86 3.40
CA GLY B 323 -38.95 34.76 4.58
C GLY B 323 -38.82 35.94 5.52
N SER B 324 -37.58 36.27 5.88
CA SER B 324 -37.33 37.39 6.80
C SER B 324 -35.93 37.92 6.56
N VAL B 325 -35.84 39.22 6.28
CA VAL B 325 -34.55 39.83 6.03
C VAL B 325 -33.73 40.01 7.30
N SER B 326 -34.36 39.90 8.47
CA SER B 326 -33.64 40.13 9.72
C SER B 326 -32.87 38.89 10.17
N LEU B 327 -33.53 37.75 10.20
CA LEU B 327 -32.87 36.52 10.63
C LEU B 327 -31.76 36.12 9.68
N THR B 328 -31.95 36.38 8.38
CA THR B 328 -30.93 36.06 7.39
C THR B 328 -29.64 36.83 7.67
N MET B 329 -29.77 38.13 7.94
CA MET B 329 -28.59 38.93 8.29
C MET B 329 -27.93 38.39 9.55
N VAL B 330 -28.74 37.94 10.51
CA VAL B 330 -28.19 37.30 11.70
C VAL B 330 -27.43 36.03 11.33
N THR B 331 -28.01 35.21 10.46
CA THR B 331 -27.38 33.94 10.10
C THR B 331 -26.04 34.17 9.41
N LEU B 332 -25.98 35.13 8.50
CA LEU B 332 -24.74 35.38 7.77
C LEU B 332 -23.66 35.92 8.68
N ILE B 333 -24.03 36.65 9.73
CA ILE B 333 -23.02 37.25 10.61
C ILE B 333 -22.30 36.17 11.42
N THR B 334 -23.04 35.20 11.96
CA THR B 334 -22.45 34.16 12.79
C THR B 334 -21.80 33.04 12.00
N LEU B 335 -22.06 32.96 10.69
CA LEU B 335 -21.50 31.89 9.87
C LEU B 335 -19.97 31.85 9.88
N PRO B 336 -19.23 32.97 9.72
CA PRO B 336 -17.77 32.87 9.70
C PRO B 336 -17.16 32.27 10.97
N LEU B 337 -17.82 32.40 12.12
CA LEU B 337 -17.29 31.78 13.32
C LEU B 337 -17.23 30.26 13.18
N LEU B 338 -18.27 29.65 12.59
CA LEU B 338 -18.22 28.23 12.27
C LEU B 338 -17.16 27.96 11.21
N PHE B 339 -16.98 28.89 10.27
CA PHE B 339 -15.91 28.75 9.28
C PHE B 339 -14.55 28.85 9.94
N LEU B 340 -14.37 29.82 10.84
CA LEU B 340 -13.03 30.14 11.33
C LEU B 340 -12.59 29.22 12.46
N LEU B 341 -13.33 29.23 13.58
CA LEU B 341 -12.87 28.63 14.83
C LEU B 341 -12.50 27.16 14.72
N PRO B 342 -13.30 26.30 14.08
CA PRO B 342 -12.86 24.91 13.89
C PRO B 342 -11.56 24.79 13.12
N LYS B 343 -11.34 25.65 12.13
CA LYS B 343 -10.08 25.60 11.38
C LYS B 343 -8.90 25.97 12.27
N LYS B 344 -9.05 26.99 13.12
CA LYS B 344 -7.98 27.36 14.02
C LYS B 344 -7.69 26.26 15.02
N VAL B 345 -8.74 25.67 15.60
CA VAL B 345 -8.56 24.57 16.54
C VAL B 345 -8.08 23.32 15.82
N GLY B 346 -8.64 23.04 14.64
CA GLY B 346 -8.24 21.86 13.90
C GLY B 346 -6.78 21.88 13.48
N LYS B 347 -6.21 23.08 13.33
CA LYS B 347 -4.78 23.17 13.04
C LYS B 347 -3.96 22.59 14.18
N TRP B 348 -4.39 22.79 15.42
CA TRP B 348 -3.67 22.25 16.57
C TRP B 348 -3.72 20.72 16.58
N TYR B 349 -4.90 20.15 16.30
CA TYR B 349 -4.98 18.70 16.20
C TYR B 349 -4.17 18.13 15.05
N GLN B 350 -4.39 18.63 13.83
CA GLN B 350 -3.78 17.99 12.67
C GLN B 350 -2.26 18.00 12.77
N LEU B 351 -1.68 18.91 13.56
CA LEU B 351 -0.26 18.83 13.86
C LEU B 351 0.05 17.65 14.79
N LEU B 352 -0.71 17.53 15.89
CA LEU B 352 -0.41 16.50 16.87
C LEU B 352 -0.66 15.10 16.33
N GLU B 353 -1.75 14.92 15.58
CA GLU B 353 -2.06 13.59 15.05
C GLU B 353 -0.97 13.11 14.09
N VAL B 354 -0.46 14.02 13.26
CA VAL B 354 0.64 13.66 12.36
C VAL B 354 1.87 13.26 13.16
N GLN B 355 2.19 14.04 14.20
CA GLN B 355 3.37 13.75 15.00
C GLN B 355 3.27 12.39 15.68
N VAL B 356 2.10 12.06 16.22
CA VAL B 356 1.90 10.74 16.83
C VAL B 356 2.05 9.65 15.78
N ARG B 357 1.43 9.85 14.62
CA ARG B 357 1.44 8.82 13.58
C ARG B 357 2.85 8.58 13.06
N GLU B 358 3.61 9.64 12.81
CA GLU B 358 4.97 9.46 12.30
C GLU B 358 5.90 8.87 13.36
N SER B 359 5.73 9.27 14.63
CA SER B 359 6.55 8.69 15.69
C SER B 359 6.22 7.22 15.88
N LEU B 360 4.94 6.85 15.74
CA LEU B 360 4.55 5.45 15.84
C LEU B 360 5.19 4.62 14.73
N ALA B 361 5.28 5.17 13.52
CA ALA B 361 5.94 4.46 12.43
C ALA B 361 7.41 4.23 12.75
N LYS B 362 8.08 5.25 13.31
CA LYS B 362 9.47 5.09 13.71
C LYS B 362 9.60 4.01 14.78
N SER B 363 8.71 4.02 15.76
CA SER B 363 8.76 3.01 16.81
C SER B 363 8.57 1.60 16.25
N SER B 364 7.62 1.44 15.33
CA SER B 364 7.40 0.14 14.72
C SER B 364 8.56 -0.25 13.80
N GLN B 365 9.18 0.73 13.14
CA GLN B 365 10.28 0.44 12.23
C GLN B 365 11.46 -0.17 12.98
N VAL B 366 11.73 0.32 14.19
CA VAL B 366 12.84 -0.22 14.98
C VAL B 366 12.61 -1.69 15.28
N ALA B 367 11.36 -2.09 15.54
CA ALA B 367 11.07 -3.49 15.79
C ALA B 367 11.41 -4.36 14.59
N ILE B 368 11.11 -3.88 13.38
CA ILE B 368 11.41 -4.65 12.18
C ILE B 368 12.91 -4.82 12.01
N GLU B 369 13.69 -3.79 12.37
CA GLU B 369 15.15 -3.91 12.27
C GLU B 369 15.68 -5.05 13.13
N ALA B 370 15.07 -5.29 14.29
CA ALA B 370 15.47 -6.41 15.12
C ALA B 370 14.97 -7.73 14.55
N LEU B 371 13.70 -7.76 14.10
CA LEU B 371 13.14 -8.99 13.57
C LEU B 371 13.85 -9.44 12.29
N SER B 372 14.16 -8.49 11.40
CA SER B 372 14.86 -8.84 10.17
C SER B 372 16.24 -9.42 10.43
N ALA B 373 16.87 -9.05 11.54
CA ALA B 373 18.16 -9.60 11.93
C ALA B 373 18.05 -10.50 13.16
N MET B 374 16.99 -11.30 13.23
CA MET B 374 16.73 -12.12 14.41
C MET B 374 17.86 -13.10 14.76
N PRO B 375 18.46 -13.83 13.81
CA PRO B 375 19.52 -14.78 14.22
C PRO B 375 20.65 -14.15 15.00
N THR B 376 21.04 -12.92 14.66
CA THR B 376 22.06 -12.24 15.45
C THR B 376 21.58 -11.94 16.85
N VAL B 377 20.30 -11.55 16.99
CA VAL B 377 19.76 -11.19 18.30
C VAL B 377 19.76 -12.41 19.22
N ARG B 378 19.24 -13.54 18.73
CA ARG B 378 19.24 -14.76 19.52
C ARG B 378 20.67 -15.24 19.78
N SER B 379 21.60 -14.92 18.88
CA SER B 379 22.98 -15.34 19.07
C SER B 379 23.61 -14.63 20.27
N PHE B 380 23.30 -13.35 20.46
CA PHE B 380 23.89 -12.57 21.54
C PHE B 380 23.00 -12.45 22.76
N ALA B 381 21.85 -13.13 22.78
CA ALA B 381 20.97 -13.18 23.94
C ALA B 381 20.48 -11.80 24.35
N ASN B 382 20.36 -10.88 23.40
CA ASN B 382 19.80 -9.56 23.66
C ASN B 382 18.29 -9.52 23.46
N GLU B 383 17.62 -10.68 23.49
CA GLU B 383 16.18 -10.72 23.29
C GLU B 383 15.43 -9.89 24.33
N GLU B 384 15.97 -9.75 25.53
CA GLU B 384 15.35 -8.86 26.51
C GLU B 384 15.76 -7.41 26.27
N GLY B 385 16.97 -7.19 25.76
CA GLY B 385 17.40 -5.83 25.48
C GLY B 385 16.57 -5.15 24.41
N GLU B 386 16.21 -5.88 23.36
CA GLU B 386 15.37 -5.31 22.31
C GLU B 386 13.99 -4.95 22.86
N ALA B 387 13.46 -5.76 23.78
CA ALA B 387 12.21 -5.40 24.43
C ALA B 387 12.35 -4.11 25.21
N GLN B 388 13.46 -3.95 25.93
CA GLN B 388 13.70 -2.71 26.65
C GLN B 388 13.87 -1.53 25.71
N LYS B 389 14.59 -1.72 24.60
CA LYS B 389 14.78 -0.64 23.65
C LYS B 389 13.46 -0.27 22.97
N PHE B 390 12.55 -1.24 22.83
CA PHE B 390 11.24 -0.94 22.25
C PHE B 390 10.37 -0.18 23.24
N ARG B 391 10.42 -0.54 24.52
CA ARG B 391 9.64 0.16 25.53
C ARG B 391 10.06 1.61 25.64
N GLU B 392 11.37 1.88 25.58
CA GLU B 392 11.87 3.24 25.69
C GLU B 392 11.27 4.15 24.63
N LYS B 393 11.12 3.64 23.40
CA LYS B 393 10.57 4.43 22.32
C LYS B 393 9.05 4.56 22.40
N LEU B 394 8.39 3.74 23.22
CA LEU B 394 6.94 3.86 23.38
C LEU B 394 6.54 4.81 24.49
N GLN B 395 7.36 4.94 25.54
CA GLN B 395 7.06 5.91 26.59
C GLN B 395 7.09 7.33 26.04
N GLU B 396 8.04 7.62 25.14
CA GLU B 396 8.09 8.93 24.51
C GLU B 396 6.83 9.26 23.73
N ILE B 397 6.11 8.24 23.27
CA ILE B 397 4.84 8.47 22.59
C ILE B 397 3.69 8.57 23.58
N LYS B 398 3.80 7.89 24.73
CA LYS B 398 2.73 7.93 25.73
C LYS B 398 2.48 9.35 26.23
N THR B 399 3.55 10.09 26.49
CA THR B 399 3.39 11.47 26.95
C THR B 399 2.81 12.35 25.86
N LEU B 400 3.08 12.03 24.60
CA LEU B 400 2.54 12.81 23.49
C LEU B 400 1.04 12.59 23.35
N ASN B 401 0.58 11.37 23.62
CA ASN B 401 -0.85 11.09 23.53
C ASN B 401 -1.64 11.84 24.59
N GLN B 402 -1.06 12.04 25.77
CA GLN B 402 -1.76 12.78 26.82
C GLN B 402 -2.07 14.21 26.42
N LYS B 403 -1.34 14.77 25.45
CA LYS B 403 -1.70 16.04 24.86
C LYS B 403 -2.64 15.90 23.67
N GLU B 404 -2.65 14.73 23.03
CA GLU B 404 -3.57 14.48 21.93
C GLU B 404 -5.01 14.44 22.43
N ALA B 405 -5.24 13.75 23.55
CA ALA B 405 -6.60 13.60 24.07
C ALA B 405 -7.17 14.90 24.59
N VAL B 406 -6.34 15.74 25.22
CA VAL B 406 -6.83 17.00 25.78
C VAL B 406 -7.37 17.90 24.68
N ALA B 407 -6.66 17.99 23.56
CA ALA B 407 -7.11 18.84 22.46
C ALA B 407 -8.33 18.27 21.76
N TYR B 408 -8.68 17.02 22.06
CA TYR B 408 -9.86 16.43 21.42
C TYR B 408 -11.14 17.03 21.99
N ALA B 409 -11.13 17.35 23.29
CA ALA B 409 -12.32 17.98 23.88
C ALA B 409 -12.56 19.35 23.28
N VAL B 410 -11.51 20.18 23.20
CA VAL B 410 -11.68 21.52 22.68
C VAL B 410 -12.06 21.52 21.20
N ASN B 411 -11.57 20.55 20.43
CA ASN B 411 -12.04 20.42 19.05
C ASN B 411 -13.51 20.03 19.01
N SER B 412 -13.91 19.10 19.89
CA SER B 412 -15.32 18.72 19.97
C SER B 412 -16.16 19.82 20.61
N TRP B 413 -15.62 20.45 21.65
CA TRP B 413 -16.35 21.52 22.33
C TRP B 413 -16.53 22.74 21.41
N THR B 414 -15.57 22.98 20.52
CA THR B 414 -15.70 24.10 19.61
C THR B 414 -16.85 23.89 18.63
N THR B 415 -16.89 22.73 17.98
CA THR B 415 -17.93 22.47 16.98
C THR B 415 -19.31 22.40 17.63
N SER B 416 -19.42 21.71 18.76
CA SER B 416 -20.74 21.54 19.38
C SER B 416 -21.28 22.85 19.90
N ILE B 417 -20.45 23.65 20.58
CA ILE B 417 -20.90 24.92 21.10
C ILE B 417 -21.26 25.88 19.97
N SER B 418 -20.43 25.92 18.92
CA SER B 418 -20.70 26.82 17.80
C SER B 418 -22.02 26.49 17.12
N GLY B 419 -22.32 25.21 16.93
CA GLY B 419 -23.61 24.82 16.39
C GLY B 419 -24.74 25.18 17.34
N MET B 420 -24.51 24.96 18.64
CA MET B 420 -25.49 25.35 19.63
C MET B 420 -25.72 26.85 19.67
N LEU B 421 -24.64 27.64 19.71
CA LEU B 421 -24.78 29.07 19.98
C LEU B 421 -25.51 29.80 18.86
N LEU B 422 -25.67 29.17 17.70
CA LEU B 422 -26.49 29.76 16.64
C LEU B 422 -27.95 29.34 16.78
N LYS B 423 -28.19 28.09 17.18
CA LYS B 423 -29.56 27.60 17.33
C LYS B 423 -30.32 28.40 18.39
N VAL B 424 -29.67 28.66 19.53
CA VAL B 424 -30.29 29.49 20.55
C VAL B 424 -30.38 30.93 20.07
N GLY B 425 -29.36 31.40 19.36
CA GLY B 425 -29.35 32.79 18.93
C GLY B 425 -30.49 33.13 17.99
N ILE B 426 -30.77 32.25 17.03
CA ILE B 426 -31.85 32.53 16.07
C ILE B 426 -33.20 32.48 16.76
N LEU B 427 -33.38 31.56 17.72
CA LEU B 427 -34.66 31.44 18.39
C LEU B 427 -34.97 32.67 19.23
N TYR B 428 -33.99 33.17 19.98
CA TYR B 428 -34.23 34.35 20.81
C TYR B 428 -34.47 35.59 19.95
N ILE B 429 -33.60 35.81 18.97
CA ILE B 429 -33.80 36.95 18.07
C ILE B 429 -35.08 36.77 17.26
N GLY B 430 -35.49 35.52 17.03
CA GLY B 430 -36.79 35.29 16.42
C GLY B 430 -37.93 35.66 17.34
N GLY B 431 -37.80 35.36 18.63
CA GLY B 431 -38.89 35.63 19.56
C GLY B 431 -39.22 37.10 19.65
N GLN B 432 -38.20 37.94 19.77
CA GLN B 432 -38.44 39.39 19.78
C GLN B 432 -39.01 39.86 18.46
N LEU B 433 -38.57 39.27 17.35
CA LEU B 433 -39.05 39.68 16.04
C LEU B 433 -40.53 39.33 15.87
N VAL B 434 -40.91 38.10 16.21
CA VAL B 434 -42.29 37.67 16.00
C VAL B 434 -43.24 38.38 16.96
N THR B 435 -42.82 38.57 18.22
CA THR B 435 -43.64 39.31 19.17
C THR B 435 -43.82 40.77 18.76
N SER B 436 -42.89 41.31 17.96
CA SER B 436 -43.05 42.65 17.42
C SER B 436 -44.12 42.74 16.35
N GLY B 437 -44.62 41.60 15.86
CA GLY B 437 -45.67 41.59 14.86
C GLY B 437 -45.19 41.67 13.43
N ALA B 438 -43.89 41.80 13.20
CA ALA B 438 -43.39 41.90 11.83
C ALA B 438 -43.50 40.58 11.09
N VAL B 439 -43.35 39.45 11.78
CA VAL B 439 -43.45 38.12 11.16
C VAL B 439 -44.43 37.28 11.96
N SER B 440 -44.96 36.25 11.31
CA SER B 440 -45.89 35.34 11.94
C SER B 440 -45.15 34.21 12.64
N SER B 441 -45.89 33.45 13.45
CA SER B 441 -45.28 32.33 14.17
C SER B 441 -44.77 31.27 13.20
N GLY B 442 -45.52 31.00 12.14
CA GLY B 442 -45.10 29.99 11.18
C GLY B 442 -43.82 30.36 10.44
N ASN B 443 -43.63 31.64 10.15
CA ASN B 443 -42.41 32.06 9.48
C ASN B 443 -41.18 31.72 10.31
N LEU B 444 -41.30 31.78 11.64
CA LEU B 444 -40.23 31.33 12.51
C LEU B 444 -40.03 29.83 12.40
N VAL B 445 -41.11 29.08 12.22
CA VAL B 445 -41.02 27.62 12.15
C VAL B 445 -40.18 27.19 10.94
N THR B 446 -40.41 27.82 9.79
CA THR B 446 -39.64 27.48 8.61
C THR B 446 -38.15 27.78 8.80
N PHE B 447 -37.84 28.91 9.45
CA PHE B 447 -36.44 29.25 9.69
C PHE B 447 -35.77 28.22 10.59
N VAL B 448 -36.52 27.65 11.53
CA VAL B 448 -35.95 26.62 12.40
C VAL B 448 -35.51 25.41 11.58
N LEU B 449 -36.36 24.97 10.65
CA LEU B 449 -36.00 23.85 9.79
C LEU B 449 -34.96 24.27 8.75
N TYR B 450 -35.12 25.46 8.18
CA TYR B 450 -34.15 25.93 7.19
C TYR B 450 -32.76 26.04 7.78
N GLN B 451 -32.65 26.62 8.98
CA GLN B 451 -31.33 26.81 9.58
C GLN B 451 -30.67 25.47 9.89
N MET B 452 -31.44 24.50 10.36
CA MET B 452 -30.89 23.18 10.66
C MET B 452 -30.33 22.53 9.40
N GLN B 453 -31.04 22.67 8.27
CA GLN B 453 -30.53 22.16 7.01
C GLN B 453 -29.26 22.89 6.59
N PHE B 454 -29.19 24.20 6.85
CA PHE B 454 -28.01 24.98 6.48
C PHE B 454 -26.77 24.49 7.24
N THR B 455 -26.95 24.09 8.49
CA THR B 455 -25.80 23.69 9.32
C THR B 455 -25.05 22.52 8.70
N GLN B 456 -25.78 21.47 8.29
CA GLN B 456 -25.12 20.34 7.67
C GLN B 456 -24.62 20.68 6.27
N ALA B 457 -25.29 21.58 5.57
CA ALA B 457 -24.88 21.94 4.21
C ALA B 457 -23.52 22.61 4.21
N VAL B 458 -23.31 23.58 5.10
CA VAL B 458 -22.03 24.27 5.15
C VAL B 458 -20.94 23.36 5.70
N GLU B 459 -21.29 22.48 6.63
CA GLU B 459 -20.29 21.58 7.21
C GLU B 459 -19.83 20.56 6.19
N VAL B 460 -20.76 19.97 5.44
CA VAL B 460 -20.40 19.00 4.42
C VAL B 460 -19.57 19.68 3.33
N LEU B 461 -19.97 20.87 2.92
CA LEU B 461 -19.24 21.59 1.88
C LEU B 461 -17.82 21.90 2.32
N LEU B 462 -17.65 22.34 3.58
CA LEU B 462 -16.32 22.67 4.07
C LEU B 462 -15.49 21.41 4.28
N SER B 463 -16.13 20.30 4.65
CA SER B 463 -15.38 19.07 4.93
C SER B 463 -14.67 18.55 3.68
N ILE B 464 -15.31 18.64 2.53
CA ILE B 464 -14.72 18.09 1.31
C ILE B 464 -13.74 19.06 0.67
N TYR B 465 -13.68 20.31 1.14
CA TYR B 465 -12.77 21.29 0.55
C TYR B 465 -11.30 20.87 0.65
N PRO B 466 -10.78 20.44 1.81
CA PRO B 466 -9.38 19.96 1.81
C PRO B 466 -9.15 18.78 0.90
N ARG B 467 -10.12 17.88 0.77
CA ARG B 467 -9.94 16.70 -0.08
C ARG B 467 -9.83 17.08 -1.55
N VAL B 468 -10.73 17.93 -2.03
CA VAL B 468 -10.68 18.36 -3.42
C VAL B 468 -9.44 19.22 -3.66
N GLN B 469 -9.04 20.01 -2.67
CA GLN B 469 -7.83 20.80 -2.79
C GLN B 469 -6.60 19.91 -2.94
N LYS B 470 -6.53 18.84 -2.16
CA LYS B 470 -5.39 17.91 -2.27
C LYS B 470 -5.39 17.22 -3.63
N ALA B 471 -6.57 16.81 -4.11
CA ALA B 471 -6.65 16.09 -5.37
C ALA B 471 -6.20 16.95 -6.54
N VAL B 472 -6.71 18.19 -6.62
CA VAL B 472 -6.37 19.04 -7.75
C VAL B 472 -4.91 19.46 -7.70
N GLY B 473 -4.37 19.72 -6.51
CA GLY B 473 -2.97 20.08 -6.41
C GLY B 473 -2.04 18.95 -6.78
N SER B 474 -2.35 17.74 -6.32
CA SER B 474 -1.48 16.59 -6.59
C SER B 474 -1.57 16.15 -8.04
N SER B 475 -2.76 16.27 -8.64
CA SER B 475 -2.96 15.82 -10.02
C SER B 475 -2.19 16.65 -11.03
N GLU B 476 -1.69 17.82 -10.65
CA GLU B 476 -0.91 18.64 -11.58
C GLU B 476 0.38 17.95 -11.98
N LYS B 477 0.90 17.07 -11.11
CA LYS B 477 2.12 16.33 -11.44
C LYS B 477 1.92 15.42 -12.65
N ILE B 478 0.69 14.93 -12.85
CA ILE B 478 0.42 14.04 -13.98
C ILE B 478 0.59 14.77 -15.30
N PHE B 479 0.26 16.06 -15.34
CA PHE B 479 0.35 16.82 -16.59
C PHE B 479 1.77 16.94 -17.11
N GLU B 480 2.77 16.69 -16.26
CA GLU B 480 4.14 16.62 -16.76
C GLU B 480 4.30 15.49 -17.76
N TYR B 481 3.70 14.33 -17.49
CA TYR B 481 3.74 13.21 -18.41
C TYR B 481 2.77 13.38 -19.58
N LEU B 482 1.58 13.91 -19.31
CA LEU B 482 0.60 14.10 -20.37
C LEU B 482 1.08 15.13 -21.39
N ASP B 483 1.66 16.23 -20.92
CA ASP B 483 2.20 17.28 -21.78
C ASP B 483 3.73 17.20 -21.86
N ARG B 484 4.27 15.99 -21.88
CA ARG B 484 5.71 15.77 -21.93
C ARG B 484 6.32 16.36 -23.20
N GLY B 492 8.53 6.89 -42.13
CA GLY B 492 8.98 7.31 -43.45
C GLY B 492 8.10 6.77 -44.57
N LEU B 493 8.48 7.09 -45.81
CA LEU B 493 7.70 6.66 -46.96
C LEU B 493 7.77 5.15 -47.18
N LEU B 494 8.90 4.53 -46.88
CA LEU B 494 9.04 3.10 -47.09
C LEU B 494 8.11 2.31 -46.16
N THR B 495 7.57 1.22 -46.69
CA THR B 495 6.74 0.30 -45.91
C THR B 495 7.24 -1.12 -46.13
N PRO B 496 8.41 -1.45 -45.58
CA PRO B 496 9.01 -2.75 -45.87
C PRO B 496 8.26 -3.89 -45.21
N LEU B 497 8.07 -4.97 -45.98
CA LEU B 497 7.63 -6.23 -45.41
C LEU B 497 8.82 -7.10 -44.99
N HIS B 498 9.96 -6.90 -45.64
CA HIS B 498 11.21 -7.54 -45.26
C HIS B 498 12.36 -6.62 -45.65
N LEU B 499 13.43 -6.67 -44.87
CA LEU B 499 14.56 -5.80 -45.12
C LEU B 499 15.30 -6.22 -46.38
N GLU B 500 15.98 -5.26 -47.01
CA GLU B 500 16.76 -5.54 -48.20
C GLU B 500 18.11 -6.17 -47.89
N GLY B 501 18.52 -6.19 -46.62
CA GLY B 501 19.75 -6.84 -46.21
C GLY B 501 20.98 -5.95 -46.18
N LEU B 502 20.95 -4.81 -46.86
CA LEU B 502 22.12 -3.93 -46.88
C LEU B 502 22.18 -3.08 -45.63
N VAL B 503 23.39 -2.95 -45.07
CA VAL B 503 23.61 -2.13 -43.89
C VAL B 503 24.99 -1.50 -44.01
N GLN B 504 25.18 -0.37 -43.34
CA GLN B 504 26.45 0.33 -43.36
C GLN B 504 26.53 1.25 -42.14
N PHE B 505 27.75 1.70 -41.85
CA PHE B 505 27.98 2.61 -40.76
C PHE B 505 29.13 3.54 -41.12
N GLN B 506 29.18 4.70 -40.46
CA GLN B 506 30.21 5.70 -40.73
C GLN B 506 30.46 6.48 -39.45
N ASP B 507 31.55 6.13 -38.76
CA ASP B 507 31.96 6.80 -37.52
C ASP B 507 30.86 6.79 -36.47
N VAL B 508 30.03 5.74 -36.45
CA VAL B 508 28.91 5.68 -35.53
C VAL B 508 29.43 5.54 -34.10
N SER B 509 28.67 6.09 -33.16
CA SER B 509 29.02 6.03 -31.75
C SER B 509 27.78 5.65 -30.94
N PHE B 510 28.02 5.05 -29.78
CA PHE B 510 26.92 4.62 -28.92
C PHE B 510 27.21 5.08 -27.49
N ALA B 511 26.14 5.28 -26.73
CA ALA B 511 26.25 5.75 -25.37
C ALA B 511 25.09 5.18 -24.54
N TYR B 512 25.30 5.14 -23.24
CA TYR B 512 24.24 4.70 -22.34
C TYR B 512 23.22 5.83 -22.14
N PRO B 513 21.96 5.49 -21.91
CA PRO B 513 20.94 6.53 -21.70
C PRO B 513 21.14 7.36 -20.45
N ASN B 514 22.01 6.92 -19.53
CA ASN B 514 22.15 7.61 -18.25
C ASN B 514 22.64 9.04 -18.41
N ARG B 515 23.67 9.25 -19.24
CA ARG B 515 24.25 10.57 -19.41
C ARG B 515 25.00 10.61 -20.73
N PRO B 516 25.20 11.79 -21.31
CA PRO B 516 26.04 11.89 -22.52
C PRO B 516 27.47 11.42 -22.29
N ASP B 517 28.01 11.57 -21.08
CA ASP B 517 29.35 11.13 -20.76
C ASP B 517 29.45 9.63 -20.55
N VAL B 518 28.45 8.86 -20.96
CA VAL B 518 28.43 7.41 -20.76
C VAL B 518 28.67 6.71 -22.09
N LEU B 519 29.38 7.37 -23.00
CA LEU B 519 29.69 6.78 -24.30
C LEU B 519 30.43 5.47 -24.12
N VAL B 520 30.00 4.46 -24.88
CA VAL B 520 30.54 3.10 -24.74
C VAL B 520 30.97 2.56 -26.08
N LEU B 521 30.78 3.35 -27.14
CA LEU B 521 31.20 2.93 -28.48
C LEU B 521 31.44 4.16 -29.33
N GLN B 522 32.34 4.03 -30.30
CA GLN B 522 32.66 5.11 -31.21
C GLN B 522 33.42 4.55 -32.41
N GLY B 523 33.46 5.33 -33.47
CA GLY B 523 34.20 4.95 -34.66
C GLY B 523 33.69 3.72 -35.36
N LEU B 524 32.39 3.44 -35.27
CA LEU B 524 31.83 2.26 -35.91
C LEU B 524 31.67 2.47 -37.41
N THR B 525 32.10 1.47 -38.18
CA THR B 525 31.95 1.51 -39.64
C THR B 525 31.53 0.17 -40.21
N PHE B 526 30.82 -0.65 -39.43
CA PHE B 526 30.44 -1.98 -39.88
C PHE B 526 29.39 -1.90 -40.98
N THR B 527 29.41 -2.89 -41.86
CA THR B 527 28.47 -2.99 -42.97
C THR B 527 27.96 -4.42 -43.07
N LEU B 528 26.79 -4.58 -43.68
CA LEU B 528 26.19 -5.89 -43.81
C LEU B 528 25.50 -6.00 -45.16
N ARG B 529 25.35 -7.23 -45.62
CA ARG B 529 24.69 -7.55 -46.88
C ARG B 529 23.84 -8.78 -46.67
N PRO B 530 22.79 -8.97 -47.48
CA PRO B 530 21.98 -10.18 -47.34
C PRO B 530 22.82 -11.43 -47.58
N GLY B 531 22.53 -12.47 -46.81
CA GLY B 531 23.30 -13.70 -46.86
C GLY B 531 24.53 -13.72 -45.98
N GLU B 532 24.80 -12.64 -45.24
CA GLU B 532 25.98 -12.61 -44.38
C GLU B 532 25.66 -13.16 -43.00
N VAL B 533 26.50 -14.07 -42.52
CA VAL B 533 26.40 -14.63 -41.18
C VAL B 533 27.57 -14.12 -40.36
N THR B 534 27.27 -13.55 -39.19
CA THR B 534 28.30 -12.90 -38.40
C THR B 534 28.08 -13.17 -36.93
N ALA B 535 29.15 -12.97 -36.16
CA ALA B 535 29.12 -13.09 -34.71
C ALA B 535 29.86 -11.90 -34.10
N LEU B 536 29.49 -11.55 -32.88
CA LEU B 536 30.07 -10.40 -32.21
C LEU B 536 30.41 -10.76 -30.78
N VAL B 537 31.44 -10.10 -30.24
CA VAL B 537 31.88 -10.33 -28.87
C VAL B 537 32.65 -9.09 -28.43
N GLY B 538 32.71 -8.88 -27.11
CA GLY B 538 33.42 -7.74 -26.56
C GLY B 538 33.22 -7.62 -25.07
N PRO B 539 33.85 -6.60 -24.46
CA PRO B 539 33.66 -6.37 -23.03
C PRO B 539 32.20 -6.06 -22.70
N ASN B 540 31.78 -6.49 -21.51
CA ASN B 540 30.41 -6.25 -21.08
C ASN B 540 30.17 -4.76 -20.89
N GLY B 541 29.07 -4.26 -21.46
CA GLY B 541 28.73 -2.86 -21.38
C GLY B 541 29.47 -1.96 -22.34
N SER B 542 30.26 -2.51 -23.25
CA SER B 542 31.03 -1.69 -24.19
C SER B 542 30.24 -1.41 -25.46
N GLY B 543 29.02 -0.90 -25.31
CA GLY B 543 28.21 -0.49 -26.44
C GLY B 543 27.62 -1.62 -27.25
N LYS B 544 27.81 -2.88 -26.85
CA LYS B 544 27.27 -3.99 -27.61
C LYS B 544 25.74 -3.98 -27.60
N SER B 545 25.14 -3.77 -26.44
CA SER B 545 23.69 -3.72 -26.35
C SER B 545 23.13 -2.51 -27.11
N THR B 546 23.80 -1.36 -26.99
CA THR B 546 23.33 -0.16 -27.67
C THR B 546 23.38 -0.33 -29.18
N VAL B 547 24.44 -0.97 -29.70
CA VAL B 547 24.56 -1.17 -31.14
C VAL B 547 23.40 -2.02 -31.66
N ALA B 548 23.07 -3.09 -30.92
CA ALA B 548 21.92 -3.92 -31.31
C ALA B 548 20.63 -3.12 -31.28
N ALA B 549 20.44 -2.29 -30.25
CA ALA B 549 19.26 -1.43 -30.21
C ALA B 549 19.31 -0.39 -31.33
N LEU B 550 20.50 0.15 -31.61
CA LEU B 550 20.64 1.12 -32.70
C LEU B 550 20.31 0.49 -34.04
N LEU B 551 20.75 -0.75 -34.26
CA LEU B 551 20.43 -1.43 -35.52
C LEU B 551 18.94 -1.64 -35.69
N GLN B 552 18.20 -1.74 -34.59
CA GLN B 552 16.75 -1.88 -34.63
C GLN B 552 16.03 -0.53 -34.62
N ASN B 553 16.77 0.58 -34.68
CA ASN B 553 16.22 1.93 -34.69
C ASN B 553 15.46 2.25 -33.41
N LEU B 554 15.69 1.49 -32.33
CA LEU B 554 15.05 1.78 -31.06
C LEU B 554 15.65 3.00 -30.38
N TYR B 555 16.85 3.41 -30.80
CA TYR B 555 17.50 4.59 -30.25
C TYR B 555 18.42 5.19 -31.31
N GLN B 556 18.47 6.51 -31.35
CA GLN B 556 19.31 7.21 -32.30
C GLN B 556 20.78 7.03 -31.95
N PRO B 557 21.65 6.95 -32.95
CA PRO B 557 23.09 6.81 -32.67
C PRO B 557 23.63 8.01 -31.89
N THR B 558 24.55 7.72 -30.97
CA THR B 558 25.19 8.79 -30.20
C THR B 558 26.11 9.65 -31.04
N GLY B 559 26.43 9.23 -32.26
CA GLY B 559 27.29 10.02 -33.13
C GLY B 559 27.45 9.31 -34.46
N GLY B 560 28.09 10.02 -35.38
CA GLY B 560 28.32 9.47 -36.70
C GLY B 560 27.03 9.29 -37.48
N GLN B 561 27.07 8.35 -38.42
CA GLN B 561 25.91 8.07 -39.26
C GLN B 561 25.84 6.58 -39.54
N LEU B 562 24.62 6.12 -39.85
CA LEU B 562 24.39 4.72 -40.21
C LEU B 562 23.14 4.66 -41.08
N LEU B 563 23.02 3.57 -41.83
CA LEU B 563 21.90 3.39 -42.74
C LEU B 563 21.61 1.91 -42.91
N LEU B 564 20.38 1.61 -43.33
CA LEU B 564 19.96 0.25 -43.63
C LEU B 564 19.34 0.23 -45.01
N ASP B 565 19.76 -0.74 -45.82
CA ASP B 565 19.30 -0.88 -47.21
C ASP B 565 19.60 0.38 -48.02
N GLY B 566 20.68 1.07 -47.67
CA GLY B 566 21.03 2.32 -48.33
C GLY B 566 20.15 3.49 -47.96
N LYS B 567 19.31 3.35 -46.94
CA LYS B 567 18.39 4.40 -46.53
C LYS B 567 18.47 4.62 -45.03
N PRO B 568 18.12 5.80 -44.53
CA PRO B 568 18.14 6.03 -43.09
C PRO B 568 17.14 5.14 -42.38
N LEU B 569 17.45 4.81 -41.12
CA LEU B 569 16.53 3.99 -40.33
C LEU B 569 15.15 4.63 -40.15
N PRO B 570 15.03 5.93 -39.83
CA PRO B 570 13.68 6.50 -39.69
C PRO B 570 12.94 6.69 -41.01
N GLN B 571 13.50 6.24 -42.13
CA GLN B 571 12.88 6.45 -43.43
C GLN B 571 11.83 5.39 -43.78
N TYR B 572 11.30 4.68 -42.80
CA TYR B 572 10.28 3.67 -43.03
C TYR B 572 9.18 3.79 -41.98
N GLU B 573 8.00 3.29 -42.33
CA GLU B 573 6.88 3.28 -41.39
C GLU B 573 7.24 2.43 -40.18
N HIS B 574 6.85 2.92 -38.99
CA HIS B 574 7.29 2.30 -37.74
C HIS B 574 6.89 0.83 -37.66
N ARG B 575 5.62 0.52 -37.95
CA ARG B 575 5.19 -0.87 -37.94
C ARG B 575 5.88 -1.67 -39.02
N TYR B 576 5.99 -1.12 -40.23
CA TYR B 576 6.65 -1.82 -41.31
C TYR B 576 8.15 -1.95 -41.08
N LEU B 577 8.79 -0.90 -40.58
CA LEU B 577 10.21 -0.98 -40.26
C LEU B 577 10.46 -2.01 -39.17
N HIS B 578 9.57 -2.06 -38.16
CA HIS B 578 9.69 -3.09 -37.14
C HIS B 578 9.52 -4.48 -37.73
N ARG B 579 8.70 -4.61 -38.78
CA ARG B 579 8.55 -5.90 -39.43
C ARG B 579 9.69 -6.18 -40.40
N GLN B 580 10.47 -5.15 -40.75
CA GLN B 580 11.58 -5.35 -41.67
C GLN B 580 12.65 -6.25 -41.06
N VAL B 581 12.94 -6.07 -39.78
CA VAL B 581 13.96 -6.85 -39.10
C VAL B 581 13.55 -7.04 -37.64
N ALA B 582 13.86 -8.21 -37.10
CA ALA B 582 13.57 -8.53 -35.72
C ALA B 582 14.77 -9.24 -35.10
N ALA B 583 14.87 -9.16 -33.78
CA ALA B 583 16.01 -9.72 -33.07
C ALA B 583 15.54 -10.33 -31.76
N VAL B 584 16.36 -11.25 -31.24
CA VAL B 584 16.10 -11.87 -29.95
C VAL B 584 16.74 -11.02 -28.85
N GLY B 585 15.94 -10.68 -27.83
CA GLY B 585 16.43 -9.81 -26.78
C GLY B 585 17.45 -10.49 -25.88
N GLN B 586 18.09 -9.67 -25.06
CA GLN B 586 19.09 -10.16 -24.12
C GLN B 586 18.49 -11.03 -23.03
N GLU B 587 17.19 -10.91 -22.75
CA GLU B 587 16.51 -11.74 -21.76
C GLU B 587 15.32 -12.40 -22.44
N PRO B 588 15.54 -13.57 -23.06
CA PRO B 588 14.44 -14.23 -23.79
C PRO B 588 13.23 -14.53 -22.92
N GLN B 589 12.06 -14.10 -23.36
CA GLN B 589 10.82 -14.32 -22.63
C GLN B 589 9.66 -14.17 -23.60
N VAL B 590 8.49 -14.65 -23.17
CA VAL B 590 7.28 -14.59 -23.96
C VAL B 590 6.16 -14.00 -23.11
N PHE B 591 5.17 -13.41 -23.78
CA PHE B 591 4.04 -12.82 -23.08
C PHE B 591 3.13 -13.91 -22.52
N GLY B 592 2.23 -13.50 -21.64
CA GLY B 592 1.31 -14.42 -21.01
C GLY B 592 0.21 -14.88 -21.95
N ARG B 593 0.57 -15.63 -22.98
CA ARG B 593 -0.38 -16.11 -23.97
C ARG B 593 0.06 -17.48 -24.45
N SER B 594 -0.88 -18.19 -25.06
CA SER B 594 -0.59 -19.52 -25.57
C SER B 594 0.39 -19.45 -26.73
N LEU B 595 1.17 -20.52 -26.90
CA LEU B 595 2.14 -20.58 -27.98
C LEU B 595 1.49 -20.48 -29.35
N GLN B 596 0.20 -20.82 -29.45
CA GLN B 596 -0.52 -20.67 -30.71
C GLN B 596 -0.78 -19.22 -31.06
N GLU B 597 -0.72 -18.30 -30.08
CA GLU B 597 -1.01 -16.90 -30.34
C GLU B 597 -0.02 -15.92 -29.70
N ASN B 598 0.88 -16.37 -28.83
CA ASN B 598 1.81 -15.45 -28.18
C ASN B 598 2.82 -14.85 -29.16
N ILE B 599 3.04 -15.49 -30.30
CA ILE B 599 4.04 -15.01 -31.27
C ILE B 599 3.47 -14.03 -32.28
N ALA B 600 2.16 -13.81 -32.29
CA ALA B 600 1.52 -12.92 -33.25
C ALA B 600 1.45 -11.47 -32.78
N TYR B 601 2.33 -11.08 -31.86
CA TYR B 601 2.31 -9.71 -31.35
C TYR B 601 2.77 -8.73 -32.42
N GLY B 602 2.00 -7.68 -32.61
CA GLY B 602 2.36 -6.62 -33.56
C GLY B 602 2.06 -6.94 -35.00
N LEU B 603 1.95 -8.23 -35.33
CA LEU B 603 1.70 -8.63 -36.71
C LEU B 603 0.30 -8.21 -37.15
N THR B 604 0.19 -7.76 -38.40
CA THR B 604 -1.10 -7.36 -38.95
C THR B 604 -1.94 -8.55 -39.39
N GLN B 605 -1.37 -9.75 -39.44
CA GLN B 605 -2.11 -10.95 -39.82
C GLN B 605 -1.62 -12.09 -38.95
N LYS B 606 -2.47 -12.54 -38.03
CA LYS B 606 -2.07 -13.59 -37.10
C LYS B 606 -1.95 -14.93 -37.84
N PRO B 607 -0.81 -15.61 -37.74
CA PRO B 607 -0.68 -16.91 -38.42
C PRO B 607 -1.55 -17.97 -37.76
N THR B 608 -1.63 -19.12 -38.43
CA THR B 608 -2.46 -20.22 -37.94
C THR B 608 -1.88 -20.79 -36.64
N MET B 609 -2.78 -21.29 -35.79
CA MET B 609 -2.35 -21.89 -34.53
C MET B 609 -1.48 -23.12 -34.77
N GLU B 610 -1.87 -23.98 -35.74
CA GLU B 610 -1.05 -25.12 -36.08
C GLU B 610 0.28 -24.68 -36.68
N GLU B 611 0.27 -23.63 -37.50
CA GLU B 611 1.52 -23.07 -38.02
C GLU B 611 2.39 -22.53 -36.89
N ILE B 612 1.78 -21.94 -35.87
CA ILE B 612 2.52 -21.50 -34.70
C ILE B 612 3.14 -22.70 -33.99
N THR B 613 2.37 -23.79 -33.86
CA THR B 613 2.94 -25.02 -33.32
C THR B 613 4.03 -25.57 -34.23
N ALA B 614 3.84 -25.45 -35.55
CA ALA B 614 4.87 -25.88 -36.49
C ALA B 614 6.14 -25.07 -36.33
N ALA B 615 6.01 -23.76 -36.11
CA ALA B 615 7.19 -22.92 -35.86
C ALA B 615 7.90 -23.35 -34.58
N ALA B 616 7.13 -23.73 -33.56
CA ALA B 616 7.73 -24.21 -32.32
C ALA B 616 8.52 -25.50 -32.55
N VAL B 617 8.01 -26.36 -33.43
CA VAL B 617 8.74 -27.59 -33.75
C VAL B 617 10.05 -27.27 -34.44
N LYS B 618 10.04 -26.30 -35.36
CA LYS B 618 11.27 -25.93 -36.06
C LYS B 618 12.31 -25.38 -35.09
N SER B 619 11.88 -24.53 -34.16
CA SER B 619 12.79 -23.98 -33.15
C SER B 619 13.04 -24.94 -32.00
N GLY B 620 12.32 -26.06 -31.94
CA GLY B 620 12.48 -27.01 -30.86
C GLY B 620 11.71 -26.70 -29.60
N ALA B 621 11.00 -25.58 -29.55
CA ALA B 621 10.23 -25.25 -28.35
C ALA B 621 9.01 -26.15 -28.21
N HIS B 622 8.55 -26.76 -29.32
CA HIS B 622 7.40 -27.64 -29.25
C HIS B 622 7.67 -28.90 -28.45
N SER B 623 8.94 -29.25 -28.22
CA SER B 623 9.26 -30.40 -27.38
C SER B 623 8.76 -30.19 -25.96
N PHE B 624 8.94 -28.98 -25.41
CA PHE B 624 8.40 -28.65 -24.10
C PHE B 624 7.01 -28.03 -24.19
N ILE B 625 6.68 -27.41 -25.32
CA ILE B 625 5.34 -26.84 -25.50
C ILE B 625 4.29 -27.93 -25.55
N SER B 626 4.62 -29.08 -26.14
CA SER B 626 3.67 -30.19 -26.19
C SER B 626 3.34 -30.72 -24.81
N GLY B 627 4.20 -30.48 -23.80
CA GLY B 627 3.92 -30.89 -22.44
C GLY B 627 2.97 -29.98 -21.70
N LEU B 628 2.52 -28.90 -22.33
CA LEU B 628 1.54 -28.01 -21.73
C LEU B 628 0.19 -28.71 -21.62
N PRO B 629 -0.70 -28.21 -20.75
CA PRO B 629 -2.01 -28.86 -20.58
C PRO B 629 -2.81 -28.96 -21.87
N GLN B 630 -2.64 -27.99 -22.76
CA GLN B 630 -3.32 -28.00 -24.05
C GLN B 630 -2.33 -27.86 -25.20
N GLY B 631 -1.08 -28.26 -24.97
CA GLY B 631 -0.06 -28.11 -26.00
C GLY B 631 0.17 -26.66 -26.34
N TYR B 632 0.17 -26.37 -27.65
CA TYR B 632 0.32 -24.99 -28.10
C TYR B 632 -0.87 -24.12 -27.72
N ASP B 633 -2.04 -24.73 -27.48
CA ASP B 633 -3.22 -23.95 -27.13
C ASP B 633 -3.24 -23.53 -25.67
N THR B 634 -2.39 -24.13 -24.83
CA THR B 634 -2.36 -23.77 -23.42
C THR B 634 -1.67 -22.44 -23.23
N GLU B 635 -2.30 -21.55 -22.45
CA GLU B 635 -1.73 -20.23 -22.21
C GLU B 635 -0.50 -20.33 -21.32
N VAL B 636 0.57 -19.64 -21.71
CA VAL B 636 1.77 -19.61 -20.89
C VAL B 636 1.61 -18.57 -19.79
N ASP B 637 2.37 -18.74 -18.71
CA ASP B 637 2.31 -17.82 -17.60
C ASP B 637 2.85 -16.45 -18.00
N GLU B 638 2.37 -15.42 -17.31
CA GLU B 638 2.75 -14.05 -17.64
C GLU B 638 4.25 -13.83 -17.40
N ALA B 639 4.83 -12.97 -18.24
CA ALA B 639 6.25 -12.60 -18.14
C ALA B 639 7.16 -13.83 -18.27
N GLY B 640 6.74 -14.81 -19.07
CA GLY B 640 7.55 -15.98 -19.31
C GLY B 640 7.77 -16.88 -18.11
N SER B 641 6.82 -16.92 -17.16
CA SER B 641 6.96 -17.74 -15.97
C SER B 641 6.53 -19.18 -16.17
N GLN B 642 6.05 -19.54 -17.37
CA GLN B 642 5.58 -20.90 -17.60
C GLN B 642 6.71 -21.91 -17.67
N LEU B 643 7.93 -21.47 -17.93
CA LEU B 643 9.06 -22.39 -18.08
C LEU B 643 10.35 -21.66 -17.74
N SER B 644 11.40 -22.44 -17.52
CA SER B 644 12.70 -21.88 -17.18
C SER B 644 13.40 -21.34 -18.43
N GLY B 645 14.67 -21.00 -18.26
CA GLY B 645 15.43 -20.45 -19.37
C GLY B 645 15.68 -21.43 -20.50
N GLY B 646 15.56 -22.73 -20.20
CA GLY B 646 15.78 -23.73 -21.23
C GLY B 646 14.78 -23.64 -22.37
N GLN B 647 13.50 -23.43 -22.04
CA GLN B 647 12.47 -23.28 -23.06
C GLN B 647 12.26 -21.83 -23.46
N ARG B 648 12.65 -20.88 -22.60
CA ARG B 648 12.49 -19.47 -22.92
C ARG B 648 13.37 -19.07 -24.09
N GLN B 649 14.60 -19.57 -24.14
CA GLN B 649 15.49 -19.25 -25.26
C GLN B 649 14.94 -19.77 -26.57
N ALA B 650 14.41 -21.00 -26.56
CA ALA B 650 13.79 -21.54 -27.76
C ALA B 650 12.51 -20.79 -28.11
N VAL B 651 11.80 -20.27 -27.10
CA VAL B 651 10.59 -19.50 -27.36
C VAL B 651 10.93 -18.22 -28.10
N ALA B 652 12.01 -17.54 -27.70
CA ALA B 652 12.42 -16.32 -28.39
C ALA B 652 12.80 -16.61 -29.83
N LEU B 653 13.53 -17.71 -30.07
CA LEU B 653 13.85 -18.11 -31.44
C LEU B 653 12.59 -18.44 -32.22
N ALA B 654 11.64 -19.13 -31.58
CA ALA B 654 10.38 -19.45 -32.24
C ALA B 654 9.61 -18.19 -32.62
N ARG B 655 9.60 -17.20 -31.72
CA ARG B 655 8.95 -15.93 -32.04
C ARG B 655 9.62 -15.26 -33.23
N ALA B 656 10.96 -15.27 -33.25
CA ALA B 656 11.67 -14.76 -34.41
C ALA B 656 11.41 -15.63 -35.64
N LEU B 657 11.36 -16.95 -35.46
CA LEU B 657 11.10 -17.84 -36.58
C LEU B 657 9.71 -17.62 -37.15
N ILE B 658 8.77 -17.17 -36.32
CA ILE B 658 7.42 -16.89 -36.80
C ILE B 658 7.44 -15.78 -37.84
N ARG B 659 8.18 -14.70 -37.56
CA ARG B 659 8.30 -13.63 -38.55
C ARG B 659 9.17 -14.05 -39.73
N LYS B 660 10.26 -14.76 -39.45
CA LYS B 660 11.23 -15.15 -40.46
C LYS B 660 11.71 -13.95 -41.29
N PRO B 661 12.33 -12.97 -40.65
CA PRO B 661 12.70 -11.75 -41.37
C PRO B 661 13.93 -11.95 -42.25
N CYS B 662 14.20 -10.95 -43.09
CA CYS B 662 15.39 -10.98 -43.93
C CYS B 662 16.63 -10.53 -43.17
N VAL B 663 16.48 -9.93 -41.99
CA VAL B 663 17.60 -9.53 -41.15
C VAL B 663 17.30 -9.98 -39.72
N LEU B 664 18.24 -10.72 -39.13
CA LEU B 664 18.08 -11.22 -37.77
C LEU B 664 19.28 -10.79 -36.94
N ILE B 665 19.10 -10.82 -35.62
CA ILE B 665 20.16 -10.44 -34.70
C ILE B 665 19.89 -11.06 -33.33
N LEU B 666 20.93 -11.15 -32.50
CA LEU B 666 20.77 -11.68 -31.15
C LEU B 666 21.86 -11.07 -30.27
N ASP B 667 21.59 -11.06 -28.96
CA ASP B 667 22.53 -10.52 -27.99
C ASP B 667 22.48 -11.37 -26.74
N ASP B 668 23.62 -11.99 -26.40
CA ASP B 668 23.78 -12.84 -25.22
C ASP B 668 22.77 -13.99 -25.18
N ALA B 669 22.35 -14.51 -26.34
CA ALA B 669 21.38 -15.59 -26.35
C ALA B 669 22.00 -16.92 -25.96
N THR B 670 23.33 -17.02 -26.02
CA THR B 670 23.99 -18.29 -25.72
C THR B 670 24.00 -18.62 -24.24
N SER B 671 23.74 -17.64 -23.38
CA SER B 671 23.79 -17.86 -21.93
C SER B 671 22.41 -18.04 -21.31
N ALA B 672 21.36 -18.22 -22.12
CA ALA B 672 20.00 -18.34 -21.59
C ALA B 672 19.52 -19.77 -21.45
N LEU B 673 20.18 -20.72 -22.11
CA LEU B 673 19.74 -22.12 -22.08
C LEU B 673 20.96 -23.01 -22.32
N ASP B 674 20.69 -24.28 -22.61
CA ASP B 674 21.76 -25.25 -22.87
C ASP B 674 22.55 -24.81 -24.10
N ALA B 675 23.89 -24.86 -23.98
CA ALA B 675 24.74 -24.42 -25.08
C ALA B 675 24.59 -25.31 -26.31
N ASN B 676 24.48 -26.62 -26.10
CA ASN B 676 24.41 -27.55 -27.23
C ASN B 676 23.16 -27.32 -28.06
N SER B 677 22.01 -27.12 -27.41
CA SER B 677 20.77 -26.86 -28.15
C SER B 677 20.84 -25.55 -28.90
N GLN B 678 21.38 -24.50 -28.26
CA GLN B 678 21.50 -23.20 -28.92
C GLN B 678 22.48 -23.28 -30.09
N LEU B 679 23.59 -24.00 -29.90
CA LEU B 679 24.57 -24.14 -30.98
C LEU B 679 23.97 -24.87 -32.18
N GLN B 680 23.19 -25.92 -31.92
CA GLN B 680 22.51 -26.60 -33.01
C GLN B 680 21.46 -25.70 -33.66
N VAL B 681 20.82 -24.84 -32.86
CA VAL B 681 19.85 -23.90 -33.41
C VAL B 681 20.53 -22.94 -34.38
N GLU B 682 21.71 -22.44 -34.00
CA GLU B 682 22.47 -21.58 -34.90
C GLU B 682 22.89 -22.35 -36.16
N GLN B 683 23.28 -23.62 -35.99
CA GLN B 683 23.62 -24.44 -37.14
C GLN B 683 22.40 -24.67 -38.04
N LEU B 684 21.23 -24.86 -37.43
CA LEU B 684 20.01 -25.02 -38.22
C LEU B 684 19.71 -23.77 -39.02
N LEU B 685 19.91 -22.59 -38.42
CA LEU B 685 19.71 -21.35 -39.16
C LEU B 685 20.69 -21.23 -40.32
N TYR B 686 21.95 -21.61 -40.10
CA TYR B 686 22.94 -21.56 -41.16
C TYR B 686 22.60 -22.52 -42.29
N GLU B 687 22.15 -23.73 -41.96
CA GLU B 687 21.81 -24.72 -42.98
C GLU B 687 20.50 -24.42 -43.69
N SER B 688 19.68 -23.54 -43.13
CA SER B 688 18.39 -23.23 -43.73
C SER B 688 18.58 -22.42 -45.01
N PRO B 689 17.61 -22.47 -45.92
CA PRO B 689 17.69 -21.63 -47.12
C PRO B 689 17.67 -20.13 -46.82
N GLU B 690 17.42 -19.74 -45.58
CA GLU B 690 17.49 -18.34 -45.20
C GLU B 690 18.91 -17.80 -45.26
N ARG B 691 19.90 -18.68 -45.40
CA ARG B 691 21.29 -18.26 -45.53
C ARG B 691 21.54 -17.43 -46.79
N TYR B 692 20.63 -17.46 -47.76
CA TYR B 692 20.76 -16.63 -48.96
C TYR B 692 19.61 -15.64 -49.02
N SER B 693 18.45 -16.02 -48.50
CA SER B 693 17.29 -15.13 -48.49
C SER B 693 17.28 -14.19 -47.29
N ARG B 694 18.23 -14.33 -46.37
CA ARG B 694 18.28 -13.49 -45.18
C ARG B 694 19.72 -13.42 -44.68
N SER B 695 19.93 -12.60 -43.66
CA SER B 695 21.24 -12.45 -43.03
C SER B 695 21.03 -12.23 -41.54
N VAL B 696 22.08 -12.54 -40.76
CA VAL B 696 21.97 -12.49 -39.31
C VAL B 696 23.34 -12.20 -38.73
N LEU B 697 23.37 -11.58 -37.55
CA LEU B 697 24.58 -11.35 -36.79
C LEU B 697 24.23 -11.36 -35.32
N LEU B 698 24.78 -12.34 -34.59
CA LEU B 698 24.45 -12.57 -33.19
C LEU B 698 25.64 -12.19 -32.31
N ILE B 699 25.40 -11.35 -31.32
CA ILE B 699 26.43 -10.95 -30.37
C ILE B 699 26.47 -11.95 -29.22
N THR B 700 27.19 -13.05 -29.40
CA THR B 700 27.29 -14.08 -28.38
C THR B 700 28.56 -14.88 -28.60
N GLN B 701 29.02 -15.56 -27.55
CA GLN B 701 30.22 -16.38 -27.60
C GLN B 701 29.94 -17.82 -28.00
N HIS B 702 28.84 -18.07 -28.70
CA HIS B 702 28.50 -19.43 -29.10
C HIS B 702 29.57 -20.00 -30.02
N LEU B 703 29.99 -21.24 -29.73
CA LEU B 703 31.04 -21.87 -30.53
C LEU B 703 30.58 -22.15 -31.95
N SER B 704 29.32 -22.54 -32.14
CA SER B 704 28.82 -22.84 -33.48
C SER B 704 28.88 -21.60 -34.37
N LEU B 705 28.46 -20.45 -33.84
CA LEU B 705 28.56 -19.21 -34.61
C LEU B 705 30.00 -18.74 -34.72
N VAL B 706 30.84 -19.09 -33.74
CA VAL B 706 32.25 -18.68 -33.78
C VAL B 706 32.98 -19.34 -34.94
N GLU B 707 32.63 -20.60 -35.25
CA GLU B 707 33.31 -21.34 -36.31
C GLU B 707 32.64 -21.19 -37.66
N GLN B 708 31.32 -20.97 -37.67
CA GLN B 708 30.56 -20.91 -38.91
C GLN B 708 30.33 -19.49 -39.42
N ALA B 709 30.91 -18.48 -38.77
CA ALA B 709 30.68 -17.10 -39.19
C ALA B 709 31.35 -16.81 -40.53
N ASP B 710 30.57 -16.23 -41.45
CA ASP B 710 31.15 -15.77 -42.71
C ASP B 710 32.00 -14.52 -42.51
N HIS B 711 31.59 -13.64 -41.60
CA HIS B 711 32.37 -12.49 -41.20
C HIS B 711 32.13 -12.24 -39.72
N ILE B 712 32.87 -11.30 -39.15
CA ILE B 712 32.70 -10.95 -37.74
C ILE B 712 33.37 -9.60 -37.49
N LEU B 713 32.91 -8.91 -36.45
CA LEU B 713 33.53 -7.68 -35.99
C LEU B 713 33.40 -7.62 -34.47
N PHE B 714 34.48 -7.18 -33.82
CA PHE B 714 34.50 -7.10 -32.37
C PHE B 714 35.06 -5.75 -31.94
N LEU B 715 34.66 -5.32 -30.74
CA LEU B 715 35.04 -4.03 -30.21
C LEU B 715 35.76 -4.20 -28.88
N GLU B 716 36.66 -3.26 -28.58
CA GLU B 716 37.39 -3.24 -27.32
C GLU B 716 37.54 -1.80 -26.87
N GLY B 717 36.94 -1.48 -25.72
CA GLY B 717 36.98 -0.11 -25.22
C GLY B 717 36.17 0.87 -26.02
N GLY B 718 35.17 0.40 -26.77
CA GLY B 718 34.32 1.25 -27.57
C GLY B 718 34.70 1.34 -29.03
N ALA B 719 35.93 0.98 -29.40
CA ALA B 719 36.35 1.00 -30.80
C ALA B 719 36.53 -0.43 -31.30
N ILE B 720 36.34 -0.59 -32.62
CA ILE B 720 36.48 -1.92 -33.22
C ILE B 720 37.95 -2.34 -33.16
N ARG B 721 38.19 -3.53 -32.61
CA ARG B 721 39.55 -4.01 -32.45
C ARG B 721 39.74 -5.48 -32.81
N GLU B 722 38.71 -6.18 -33.29
CA GLU B 722 38.86 -7.58 -33.64
C GLU B 722 37.73 -7.96 -34.59
N GLY B 723 37.87 -9.14 -35.19
CA GLY B 723 36.87 -9.64 -36.11
C GLY B 723 37.28 -10.99 -36.66
N GLY B 724 36.43 -11.50 -37.55
CA GLY B 724 36.69 -12.78 -38.18
C GLY B 724 36.29 -13.95 -37.30
N THR B 725 36.39 -15.15 -37.88
CA THR B 725 36.04 -16.36 -37.17
C THR B 725 37.06 -16.66 -36.09
N HIS B 726 36.64 -17.49 -35.12
CA HIS B 726 37.52 -17.85 -34.02
C HIS B 726 38.74 -18.61 -34.51
N GLN B 727 38.54 -19.55 -35.43
CA GLN B 727 39.66 -20.30 -35.98
C GLN B 727 40.52 -19.43 -36.90
N GLN B 728 39.89 -18.60 -37.72
CA GLN B 728 40.64 -17.73 -38.63
C GLN B 728 41.46 -16.71 -37.87
N LEU B 729 40.87 -16.10 -36.83
CA LEU B 729 41.62 -15.12 -36.03
C LEU B 729 42.76 -15.78 -35.27
N MET B 730 42.55 -16.98 -34.75
CA MET B 730 43.63 -17.69 -34.06
C MET B 730 44.77 -18.02 -35.02
N GLU B 731 44.45 -18.40 -36.25
CA GLU B 731 45.49 -18.66 -37.24
C GLU B 731 46.25 -17.38 -37.59
N LYS B 732 45.57 -16.24 -37.61
CA LYS B 732 46.20 -14.95 -37.89
C LYS B 732 46.84 -14.33 -36.66
N LYS B 733 46.98 -15.08 -35.57
CA LYS B 733 47.57 -14.59 -34.32
C LYS B 733 46.85 -13.36 -33.77
N GLY B 734 45.53 -13.32 -33.89
CA GLY B 734 44.76 -12.19 -33.42
C GLY B 734 44.36 -12.33 -31.97
N CYS B 735 43.26 -11.65 -31.61
CA CYS B 735 42.77 -11.70 -30.24
C CYS B 735 42.32 -13.09 -29.84
N TYR B 736 41.78 -13.86 -30.80
CA TYR B 736 41.37 -15.23 -30.51
C TYR B 736 42.56 -16.09 -30.11
N TRP B 737 43.69 -15.95 -30.79
CA TRP B 737 44.90 -16.67 -30.41
C TRP B 737 45.39 -16.25 -29.04
N ALA B 738 45.30 -14.95 -28.72
CA ALA B 738 45.73 -14.48 -27.42
C ALA B 738 44.82 -15.00 -26.31
N MET B 739 43.55 -15.24 -26.60
CA MET B 739 42.62 -15.76 -25.60
C MET B 739 42.96 -17.20 -25.21
N VAL B 740 43.77 -17.90 -26.00
CA VAL B 740 44.15 -19.27 -25.68
C VAL B 740 45.10 -19.36 -24.50
N GLN B 741 45.63 -18.24 -24.03
CA GLN B 741 46.56 -18.25 -22.91
C GLN B 741 45.85 -18.63 -21.61
N LEU C 1 -26.63 14.34 -5.26
CA LEU C 1 -25.91 13.45 -4.35
C LEU C 1 -25.67 14.12 -3.00
N PRO C 2 -26.38 13.66 -1.98
CA PRO C 2 -26.16 14.16 -0.62
C PRO C 2 -25.12 13.31 0.10
N ALA C 3 -24.83 13.72 1.33
CA ALA C 3 -23.90 12.97 2.17
C ALA C 3 -24.48 11.60 2.52
N VAL C 4 -23.57 10.66 2.78
CA VAL C 4 -23.97 9.30 3.11
C VAL C 4 -24.75 9.26 4.42
N GLU C 11 -20.04 6.24 12.13
CA GLU C 11 -19.49 7.58 12.01
C GLU C 11 -18.23 7.71 12.85
N GLN C 12 -17.28 8.54 12.41
CA GLN C 12 -15.98 8.63 13.04
C GLN C 12 -16.03 9.26 14.42
N GLU C 13 -17.13 9.91 14.80
CA GLU C 13 -17.22 10.50 16.13
C GLU C 13 -17.21 9.42 17.19
N TYR C 14 -16.40 9.62 18.24
CA TYR C 14 -16.32 8.67 19.34
C TYR C 14 -17.55 8.76 20.23
#